data_8HP0
#
_entry.id   8HP0
#
_cell.length_a   101.750
_cell.length_b   190.470
_cell.length_c   101.150
_cell.angle_alpha   90.00
_cell.angle_beta   90.00
_cell.angle_gamma   90.00
#
_symmetry.space_group_name_H-M   'C 2 2 21'
#
loop_
_entity.id
_entity.type
_entity.pdbx_description
1 polymer 'Meso-diaminopimelate D-dehydrogenase'
2 non-polymer '4-(2-HYDROXYETHYL)-1-PIPERAZINE ETHANESULFONIC ACID'
3 non-polymer 'SULFATE ION'
4 water water
#
_entity_poly.entity_id   1
_entity_poly.type   'polypeptide(L)'
_entity_poly.pdbx_seq_one_letter_code
;MKKIRAAIVGYGNIGKFTVEAVEAAEDFELVGIVRRQGAENKPAELAPYKVVQDIKELEGVDVAILATPSRSCKEYAEKI
LPLGINTVDSFDIHTDIVDYRSALMPLCKEHHAVSIISAGWDPGSDSVVRTLMQSLAPKGLSYTNFGPGMSMGHSVCARS
KKGVKNALSMTIPLGEGIHRRMVYVELEEGATLDEVTKEIKADPYFAHDETHVMAVDSVDAVKDMGHGVHLVRKGVSGKT
QNQRMEFSMSINNPALTAQVLVNVARASMHQQPGCYTMVEIPVIDLLAGEREDLIKALV
;
_entity_poly.pdbx_strand_id   A,B,C
#
# COMPACT_ATOMS: atom_id res chain seq x y z
N LYS A 2 24.98 16.91 -28.37
CA LYS A 2 24.66 17.17 -26.95
C LYS A 2 23.14 17.26 -26.76
N LYS A 3 22.54 18.39 -27.14
CA LYS A 3 21.07 18.65 -27.01
C LYS A 3 20.28 17.67 -27.87
N ILE A 4 19.17 17.17 -27.34
CA ILE A 4 18.31 16.14 -28.00
C ILE A 4 17.43 16.87 -29.02
N ARG A 5 17.42 16.37 -30.27
CA ARG A 5 16.71 16.98 -31.42
C ARG A 5 15.36 16.28 -31.57
N ALA A 6 14.27 16.95 -31.17
CA ALA A 6 12.92 16.38 -31.09
C ALA A 6 12.02 16.98 -32.17
N ALA A 7 11.21 16.15 -32.81
CA ALA A 7 10.07 16.55 -33.65
C ALA A 7 8.76 16.21 -32.92
N ILE A 8 7.79 17.12 -32.97
CA ILE A 8 6.42 16.92 -32.43
C ILE A 8 5.49 16.64 -33.62
N VAL A 9 4.84 15.47 -33.62
CA VAL A 9 3.82 15.06 -34.64
C VAL A 9 2.42 15.24 -34.05
N GLY A 10 1.66 16.21 -34.56
CA GLY A 10 0.31 16.58 -34.07
C GLY A 10 0.37 17.89 -33.31
N TYR A 11 -0.67 18.72 -33.45
CA TYR A 11 -0.79 20.02 -32.74
C TYR A 11 -2.23 20.23 -32.24
N GLY A 12 -2.85 19.14 -31.76
CA GLY A 12 -3.96 19.19 -30.80
C GLY A 12 -3.49 19.78 -29.48
N ASN A 13 -4.24 19.60 -28.40
CA ASN A 13 -3.91 20.18 -27.08
C ASN A 13 -2.56 19.64 -26.62
N ILE A 14 -2.37 18.32 -26.67
CA ILE A 14 -1.11 17.66 -26.24
C ILE A 14 0.06 18.31 -26.99
N GLY A 15 -0.05 18.48 -28.31
CA GLY A 15 0.98 19.11 -29.15
C GLY A 15 1.37 20.49 -28.66
N LYS A 16 0.40 21.35 -28.31
CA LYS A 16 0.63 22.74 -27.84
C LYS A 16 1.47 22.69 -26.56
N PHE A 17 1.07 21.83 -25.62
CA PHE A 17 1.68 21.69 -24.28
C PHE A 17 3.06 21.02 -24.43
N THR A 18 3.24 20.17 -25.44
CA THR A 18 4.53 19.49 -25.75
C THR A 18 5.56 20.51 -26.25
N VAL A 19 5.15 21.50 -27.05
CA VAL A 19 6.04 22.62 -27.48
C VAL A 19 6.56 23.31 -26.21
N GLU A 20 5.65 23.66 -25.29
CA GLU A 20 5.96 24.38 -24.02
C GLU A 20 6.93 23.53 -23.18
N ALA A 21 6.73 22.22 -23.13
CA ALA A 21 7.56 21.27 -22.34
C ALA A 21 8.96 21.17 -22.94
N VAL A 22 9.05 21.14 -24.27
CA VAL A 22 10.35 21.05 -25.03
C VAL A 22 11.08 22.39 -24.88
N GLU A 23 10.37 23.51 -24.97
CA GLU A 23 10.94 24.89 -24.82
C GLU A 23 11.58 25.04 -23.44
N ALA A 24 10.98 24.44 -22.41
CA ALA A 24 11.34 24.62 -20.98
C ALA A 24 12.51 23.72 -20.61
N ALA A 25 12.75 22.67 -21.40
CA ALA A 25 13.84 21.68 -21.20
C ALA A 25 15.12 22.16 -21.93
N GLU A 26 16.09 22.64 -21.15
CA GLU A 26 17.39 23.22 -21.62
C GLU A 26 18.18 22.20 -22.45
N ASP A 27 17.96 20.89 -22.22
CA ASP A 27 18.69 19.78 -22.88
C ASP A 27 17.98 19.33 -24.17
N PHE A 28 17.02 20.12 -24.68
CA PHE A 28 16.23 19.78 -25.88
C PHE A 28 16.32 20.90 -26.93
N GLU A 29 16.20 20.51 -28.20
CA GLU A 29 16.10 21.40 -29.37
C GLU A 29 14.87 20.96 -30.18
N LEU A 30 13.91 21.87 -30.36
CA LEU A 30 12.69 21.60 -31.17
C LEU A 30 13.04 21.82 -32.65
N VAL A 31 13.22 20.72 -33.39
CA VAL A 31 13.59 20.72 -34.84
C VAL A 31 12.41 21.29 -35.63
N GLY A 32 11.22 20.71 -35.41
CA GLY A 32 9.97 21.19 -36.05
C GLY A 32 8.75 20.44 -35.57
N ILE A 33 7.57 20.94 -35.97
CA ILE A 33 6.24 20.33 -35.71
C ILE A 33 5.71 19.76 -37.03
N VAL A 34 5.15 18.56 -37.00
CA VAL A 34 4.54 17.88 -38.18
C VAL A 34 3.01 17.99 -38.06
N ARG A 35 2.38 18.79 -38.92
CA ARG A 35 0.91 18.92 -39.06
C ARG A 35 0.49 18.45 -40.45
N ARG A 36 -0.68 17.82 -40.56
CA ARG A 36 -1.31 17.44 -41.85
C ARG A 36 -1.30 18.66 -42.78
N GLN A 37 -1.63 19.84 -42.23
CA GLN A 37 -1.80 21.12 -42.96
C GLN A 37 -0.47 21.88 -43.08
N GLY A 38 0.64 21.33 -42.58
CA GLY A 38 1.97 21.97 -42.61
C GLY A 38 1.94 23.37 -42.02
N ALA A 39 2.66 24.31 -42.65
CA ALA A 39 2.93 25.69 -42.14
C ALA A 39 1.72 26.60 -42.37
N GLU A 40 0.65 26.10 -42.99
CA GLU A 40 -0.31 26.91 -43.79
C GLU A 40 -0.88 28.07 -42.97
N ASN A 41 -1.58 27.78 -41.88
CA ASN A 41 -2.22 28.82 -41.01
C ASN A 41 -1.46 28.82 -39.67
N LYS A 42 -0.14 29.02 -39.74
CA LYS A 42 0.80 28.84 -38.60
C LYS A 42 0.30 29.65 -37.41
N PRO A 43 0.02 29.00 -36.26
CA PRO A 43 -0.28 29.72 -35.02
C PRO A 43 0.88 30.66 -34.64
N ALA A 44 0.56 31.76 -33.95
CA ALA A 44 1.53 32.80 -33.51
C ALA A 44 2.66 32.16 -32.69
N GLU A 45 2.33 31.19 -31.82
CA GLU A 45 3.27 30.57 -30.85
C GLU A 45 4.21 29.57 -31.56
N LEU A 46 3.96 29.25 -32.83
CA LEU A 46 4.85 28.36 -33.64
C LEU A 46 5.73 29.19 -34.58
N ALA A 47 5.67 30.52 -34.48
CA ALA A 47 6.46 31.46 -35.31
C ALA A 47 7.91 31.01 -35.38
N PRO A 48 8.60 30.76 -34.24
CA PRO A 48 10.04 30.47 -34.24
C PRO A 48 10.45 29.10 -34.83
N TYR A 49 9.49 28.23 -35.19
CA TYR A 49 9.75 26.80 -35.50
C TYR A 49 9.29 26.47 -36.91
N LYS A 50 10.03 25.60 -37.59
CA LYS A 50 9.66 25.02 -38.90
C LYS A 50 8.44 24.12 -38.67
N VAL A 51 7.40 24.27 -39.50
CA VAL A 51 6.18 23.40 -39.50
C VAL A 51 6.05 22.76 -40.89
N VAL A 52 5.88 21.44 -40.96
CA VAL A 52 5.92 20.64 -42.22
C VAL A 52 4.78 19.61 -42.21
N GLN A 53 4.53 18.94 -43.35
CA GLN A 53 3.43 17.95 -43.53
C GLN A 53 3.90 16.54 -43.22
N ASP A 54 5.21 16.27 -43.38
CA ASP A 54 5.83 14.93 -43.20
C ASP A 54 7.18 15.11 -42.52
N ILE A 55 7.56 14.17 -41.64
CA ILE A 55 8.76 14.27 -40.76
C ILE A 55 10.05 14.17 -41.62
N LYS A 56 9.96 13.58 -42.82
CA LYS A 56 11.09 13.48 -43.79
C LYS A 56 11.60 14.88 -44.15
N GLU A 57 10.74 15.90 -44.10
CA GLU A 57 11.10 17.32 -44.41
C GLU A 57 11.99 17.92 -43.30
N LEU A 58 12.10 17.26 -42.14
CA LEU A 58 12.94 17.71 -41.01
C LEU A 58 14.25 16.90 -41.03
N GLU A 59 15.35 17.46 -40.54
CA GLU A 59 16.70 16.88 -40.66
C GLU A 59 17.31 16.66 -39.26
N GLY A 60 17.92 15.49 -39.06
CA GLY A 60 18.66 15.12 -37.84
C GLY A 60 17.74 14.99 -36.63
N VAL A 61 16.61 14.31 -36.81
CA VAL A 61 15.62 14.07 -35.72
C VAL A 61 16.07 12.83 -34.94
N ASP A 62 16.40 13.02 -33.66
CA ASP A 62 16.74 11.91 -32.72
C ASP A 62 15.46 11.17 -32.33
N VAL A 63 14.40 11.91 -32.01
CA VAL A 63 13.15 11.34 -31.43
C VAL A 63 11.93 12.12 -31.93
N ALA A 64 10.89 11.39 -32.34
CA ALA A 64 9.56 11.90 -32.71
C ALA A 64 8.61 11.70 -31.52
N ILE A 65 8.09 12.81 -30.97
CA ILE A 65 6.99 12.80 -29.96
C ILE A 65 5.66 12.74 -30.71
N LEU A 66 4.93 11.63 -30.59
CA LEU A 66 3.63 11.41 -31.27
C LEU A 66 2.51 11.98 -30.39
N ALA A 67 2.17 13.26 -30.61
CA ALA A 67 0.99 13.94 -30.03
C ALA A 67 -0.22 13.67 -30.94
N THR A 68 -0.42 12.40 -31.32
CA THR A 68 -1.46 11.96 -32.28
C THR A 68 -2.56 11.24 -31.52
N PRO A 69 -3.78 11.12 -32.09
CA PRO A 69 -4.79 10.22 -31.53
C PRO A 69 -4.24 8.80 -31.38
N SER A 70 -4.75 8.06 -30.40
CA SER A 70 -4.27 6.70 -30.01
C SER A 70 -4.38 5.75 -31.19
N ARG A 71 -5.46 5.82 -31.97
CA ARG A 71 -5.74 4.92 -33.13
C ARG A 71 -4.69 5.12 -34.24
N SER A 72 -3.98 6.26 -34.24
CA SER A 72 -2.97 6.67 -35.26
C SER A 72 -1.52 6.36 -34.81
N CYS A 73 -1.29 5.93 -33.56
CA CYS A 73 0.07 5.85 -32.95
C CYS A 73 0.91 4.80 -33.68
N LYS A 74 0.42 3.56 -33.81
CA LYS A 74 1.17 2.42 -34.41
C LYS A 74 1.52 2.74 -35.86
N GLU A 75 0.57 3.30 -36.62
CA GLU A 75 0.74 3.70 -38.04
C GLU A 75 1.94 4.65 -38.18
N TYR A 76 1.98 5.74 -37.40
CA TYR A 76 3.04 6.79 -37.44
C TYR A 76 4.37 6.20 -36.94
N ALA A 77 4.34 5.30 -35.96
CA ALA A 77 5.54 4.66 -35.38
C ALA A 77 6.20 3.75 -36.43
N GLU A 78 5.41 2.87 -37.06
CA GLU A 78 5.87 1.90 -38.09
C GLU A 78 6.45 2.64 -39.30
N LYS A 79 6.11 3.91 -39.48
CA LYS A 79 6.55 4.76 -40.62
C LYS A 79 7.79 5.56 -40.24
N ILE A 80 7.98 5.90 -38.96
CA ILE A 80 9.09 6.79 -38.48
C ILE A 80 10.29 5.95 -38.01
N LEU A 81 10.08 4.70 -37.60
CA LEU A 81 11.18 3.81 -37.09
C LEU A 81 12.15 3.46 -38.23
N PRO A 82 11.69 3.06 -39.42
CA PRO A 82 12.59 2.79 -40.55
C PRO A 82 13.56 3.92 -40.89
N LEU A 83 13.25 5.17 -40.49
CA LEU A 83 14.10 6.36 -40.73
C LEU A 83 15.23 6.42 -39.68
N GLY A 84 15.32 5.43 -38.77
CA GLY A 84 16.33 5.39 -37.69
C GLY A 84 16.05 6.41 -36.60
N ILE A 85 14.77 6.71 -36.37
CA ILE A 85 14.29 7.76 -35.43
C ILE A 85 13.49 7.08 -34.30
N ASN A 86 13.72 7.51 -33.06
CA ASN A 86 13.01 7.00 -31.86
C ASN A 86 11.61 7.64 -31.80
N THR A 87 10.63 6.88 -31.31
CA THR A 87 9.23 7.36 -31.14
C THR A 87 8.81 7.22 -29.67
N VAL A 88 8.13 8.24 -29.15
CA VAL A 88 7.42 8.19 -27.83
C VAL A 88 5.96 8.60 -28.08
N ASP A 89 5.04 7.96 -27.36
CA ASP A 89 3.58 8.22 -27.51
C ASP A 89 2.89 7.98 -26.16
N SER A 90 1.68 8.52 -26.01
CA SER A 90 0.81 8.37 -24.82
C SER A 90 -0.38 7.46 -25.14
N PHE A 91 -0.22 6.51 -26.07
CA PHE A 91 -1.25 5.52 -26.47
C PHE A 91 -1.97 5.01 -25.21
N ASP A 92 -3.29 5.21 -25.12
CA ASP A 92 -4.05 5.15 -23.85
C ASP A 92 -5.17 4.10 -23.89
N ILE A 93 -5.09 3.11 -24.79
CA ILE A 93 -6.05 1.96 -24.84
C ILE A 93 -5.42 0.77 -24.09
N HIS A 94 -5.74 0.63 -22.79
CA HIS A 94 -5.06 -0.31 -21.84
C HIS A 94 -5.08 -1.74 -22.40
N THR A 95 -6.16 -2.11 -23.08
CA THR A 95 -6.42 -3.50 -23.58
C THR A 95 -5.48 -3.85 -24.76
N ASP A 96 -4.94 -2.86 -25.48
CA ASP A 96 -4.13 -3.06 -26.72
C ASP A 96 -2.62 -2.94 -26.45
N ILE A 97 -2.21 -2.60 -25.23
CA ILE A 97 -0.81 -2.17 -24.90
C ILE A 97 0.17 -3.33 -25.15
N VAL A 98 -0.17 -4.55 -24.74
CA VAL A 98 0.72 -5.74 -24.88
C VAL A 98 0.97 -5.99 -26.37
N ASP A 99 -0.09 -5.96 -27.19
CA ASP A 99 -0.04 -6.21 -28.66
C ASP A 99 0.72 -5.08 -29.36
N TYR A 100 0.46 -3.83 -28.98
CA TYR A 100 1.16 -2.64 -29.53
C TYR A 100 2.66 -2.78 -29.28
N ARG A 101 3.05 -3.30 -28.10
CA ARG A 101 4.46 -3.46 -27.68
C ARG A 101 5.14 -4.58 -28.50
N SER A 102 4.48 -5.74 -28.62
CA SER A 102 4.94 -6.92 -29.39
C SER A 102 5.14 -6.56 -30.87
N ALA A 103 4.27 -5.71 -31.42
CA ALA A 103 4.27 -5.27 -32.85
C ALA A 103 5.52 -4.43 -33.15
N LEU A 104 5.83 -3.43 -32.30
CA LEU A 104 6.94 -2.49 -32.53
C LEU A 104 8.29 -3.15 -32.21
N MET A 105 8.33 -4.12 -31.28
CA MET A 105 9.58 -4.70 -30.73
C MET A 105 10.53 -5.09 -31.86
N PRO A 106 10.16 -6.01 -32.78
CA PRO A 106 11.07 -6.46 -33.83
C PRO A 106 11.47 -5.33 -34.79
N LEU A 107 10.54 -4.43 -35.10
CA LEU A 107 10.77 -3.25 -35.98
C LEU A 107 11.80 -2.32 -35.35
N CYS A 108 11.67 -2.07 -34.04
CA CYS A 108 12.59 -1.23 -33.23
C CYS A 108 14.01 -1.80 -33.28
N LYS A 109 14.14 -3.11 -33.07
CA LYS A 109 15.46 -3.82 -33.01
C LYS A 109 16.12 -3.78 -34.39
N GLU A 110 15.36 -4.09 -35.45
CA GLU A 110 15.82 -4.11 -36.86
C GLU A 110 16.51 -2.79 -37.22
N HIS A 111 15.97 -1.66 -36.74
CA HIS A 111 16.39 -0.29 -37.14
C HIS A 111 17.22 0.39 -36.04
N HIS A 112 17.72 -0.39 -35.06
CA HIS A 112 18.61 0.10 -33.96
C HIS A 112 18.03 1.38 -33.36
N ALA A 113 16.77 1.35 -32.95
CA ALA A 113 15.99 2.52 -32.46
C ALA A 113 15.08 2.09 -31.29
N VAL A 114 14.62 3.06 -30.51
CA VAL A 114 13.83 2.87 -29.26
C VAL A 114 12.44 3.49 -29.43
N SER A 115 11.40 2.72 -29.12
CA SER A 115 9.99 3.19 -28.96
C SER A 115 9.58 3.05 -27.49
N ILE A 116 9.16 4.15 -26.85
CA ILE A 116 8.48 4.12 -25.52
C ILE A 116 7.02 4.47 -25.75
N ILE A 117 6.14 3.48 -25.54
CA ILE A 117 4.67 3.57 -25.78
C ILE A 117 3.94 3.88 -24.46
N SER A 118 2.69 4.33 -24.57
CA SER A 118 1.73 4.49 -23.46
C SER A 118 2.36 5.31 -22.32
N ALA A 119 3.04 6.42 -22.67
CA ALA A 119 3.79 7.30 -21.76
C ALA A 119 3.09 8.65 -21.59
N GLY A 120 1.84 8.64 -21.11
CA GLY A 120 1.18 9.81 -20.49
C GLY A 120 1.30 9.72 -18.98
N TRP A 121 0.27 10.17 -18.24
CA TRP A 121 0.22 9.93 -16.77
C TRP A 121 -0.64 8.69 -16.46
N ASP A 122 -1.59 8.33 -17.32
CA ASP A 122 -2.32 7.04 -17.19
C ASP A 122 -2.88 6.63 -18.55
N PRO A 123 -2.27 5.65 -19.25
CA PRO A 123 -1.09 4.93 -18.77
C PRO A 123 0.20 5.77 -18.83
N GLY A 124 1.22 5.36 -18.07
CA GLY A 124 2.55 6.02 -18.01
C GLY A 124 3.00 6.26 -16.59
N SER A 125 3.09 7.53 -16.18
CA SER A 125 3.52 7.97 -14.83
C SER A 125 2.82 7.11 -13.76
N ASP A 126 1.49 7.08 -13.74
CA ASP A 126 0.68 6.28 -12.77
C ASP A 126 1.09 4.81 -12.83
N SER A 127 1.37 4.29 -14.03
CA SER A 127 1.74 2.87 -14.27
C SER A 127 2.98 2.54 -13.43
N VAL A 128 3.95 3.45 -13.37
CA VAL A 128 5.22 3.31 -12.60
C VAL A 128 4.87 3.21 -11.11
N VAL A 129 4.15 4.19 -10.57
CA VAL A 129 3.75 4.28 -9.13
C VAL A 129 2.97 3.01 -8.76
N ARG A 130 2.00 2.62 -9.60
CA ARG A 130 1.12 1.46 -9.40
C ARG A 130 1.99 0.21 -9.22
N THR A 131 3.01 0.06 -10.07
CA THR A 131 3.93 -1.11 -10.12
C THR A 131 4.79 -1.11 -8.85
N LEU A 132 5.37 0.04 -8.49
CA LEU A 132 6.13 0.18 -7.22
C LEU A 132 5.26 -0.22 -6.03
N MET A 133 4.05 0.34 -5.91
CA MET A 133 3.11 0.09 -4.79
C MET A 133 2.82 -1.41 -4.69
N GLN A 134 2.55 -2.08 -5.81
CA GLN A 134 2.32 -3.54 -5.87
C GLN A 134 3.52 -4.25 -5.23
N SER A 135 4.74 -3.82 -5.57
CA SER A 135 6.00 -4.43 -5.10
C SER A 135 6.11 -4.29 -3.58
N LEU A 136 5.70 -3.15 -3.02
CA LEU A 136 5.80 -2.84 -1.56
C LEU A 136 4.96 -3.84 -0.77
N ALA A 137 3.84 -4.31 -1.32
CA ALA A 137 2.93 -5.30 -0.69
C ALA A 137 2.29 -6.18 -1.76
N PRO A 138 2.98 -7.23 -2.25
CA PRO A 138 2.53 -7.98 -3.42
C PRO A 138 1.26 -8.82 -3.23
N LYS A 139 0.72 -8.90 -2.01
CA LYS A 139 -0.62 -9.49 -1.75
C LYS A 139 -1.55 -8.38 -1.29
N GLY A 140 -2.79 -8.38 -1.78
CA GLY A 140 -3.81 -7.36 -1.45
C GLY A 140 -4.43 -6.76 -2.70
N LEU A 141 -4.88 -5.51 -2.59
CA LEU A 141 -5.75 -4.85 -3.60
C LEU A 141 -5.20 -3.46 -3.92
N SER A 142 -5.16 -3.15 -5.21
CA SER A 142 -4.86 -1.80 -5.77
C SER A 142 -6.14 -1.22 -6.38
N TYR A 143 -6.28 0.10 -6.34
CA TYR A 143 -7.42 0.83 -6.95
C TYR A 143 -6.87 2.08 -7.65
N THR A 144 -7.36 2.35 -8.86
CA THR A 144 -7.09 3.60 -9.61
C THR A 144 -8.41 4.41 -9.66
N ASN A 145 -8.42 5.57 -9.01
CA ASN A 145 -9.60 6.47 -8.87
C ASN A 145 -9.31 7.78 -9.60
N PHE A 146 -9.97 8.03 -10.72
CA PHE A 146 -9.71 9.16 -11.64
C PHE A 146 -10.66 10.31 -11.34
N GLY A 147 -10.17 11.52 -11.57
CA GLY A 147 -10.96 12.76 -11.55
C GLY A 147 -11.03 13.39 -10.17
N PRO A 148 -11.87 14.43 -9.98
CA PRO A 148 -12.70 14.96 -11.06
C PRO A 148 -11.89 15.49 -12.27
N GLY A 149 -12.34 15.15 -13.48
CA GLY A 149 -11.78 15.68 -14.75
C GLY A 149 -12.58 15.22 -15.96
N MET A 150 -12.30 15.81 -17.13
CA MET A 150 -12.97 15.49 -18.42
C MET A 150 -12.42 14.17 -18.96
N SER A 151 -13.28 13.27 -19.42
CA SER A 151 -12.91 12.03 -20.13
C SER A 151 -13.06 12.25 -21.63
N MET A 152 -11.94 12.30 -22.37
CA MET A 152 -11.93 12.44 -23.85
C MET A 152 -12.77 11.29 -24.44
N GLY A 153 -12.47 10.06 -24.07
CA GLY A 153 -13.18 8.85 -24.52
C GLY A 153 -14.68 8.97 -24.35
N HIS A 154 -15.13 9.17 -23.10
CA HIS A 154 -16.57 9.22 -22.70
C HIS A 154 -17.24 10.45 -23.31
N SER A 155 -16.52 11.57 -23.43
CA SER A 155 -17.02 12.82 -24.06
C SER A 155 -17.36 12.57 -25.54
N VAL A 156 -16.40 12.00 -26.30
CA VAL A 156 -16.56 11.62 -27.73
C VAL A 156 -17.77 10.68 -27.86
N CYS A 157 -17.86 9.67 -27.00
CA CYS A 157 -18.93 8.64 -27.00
C CYS A 157 -20.30 9.30 -26.82
N ALA A 158 -20.42 10.26 -25.90
CA ALA A 158 -21.67 10.99 -25.61
C ALA A 158 -22.04 11.88 -26.79
N ARG A 159 -21.05 12.56 -27.39
CA ARG A 159 -21.22 13.47 -28.57
C ARG A 159 -21.82 12.71 -29.76
N SER A 160 -21.52 11.41 -29.89
CA SER A 160 -21.84 10.56 -31.07
C SER A 160 -23.30 10.09 -31.05
N LYS A 161 -24.04 10.33 -29.96
CA LYS A 161 -25.41 9.80 -29.76
C LYS A 161 -26.44 10.76 -30.36
N LYS A 162 -27.52 10.20 -30.92
CA LYS A 162 -28.64 10.96 -31.54
C LYS A 162 -29.19 11.95 -30.51
N GLY A 163 -29.35 13.22 -30.91
CA GLY A 163 -29.92 14.30 -30.09
C GLY A 163 -28.86 15.17 -29.44
N VAL A 164 -27.58 14.74 -29.48
CA VAL A 164 -26.45 15.43 -28.79
C VAL A 164 -25.71 16.31 -29.80
N LYS A 165 -25.86 17.64 -29.68
CA LYS A 165 -25.13 18.66 -30.50
C LYS A 165 -23.69 18.76 -30.00
N ASN A 166 -23.50 18.79 -28.68
CA ASN A 166 -22.19 18.81 -28.00
C ASN A 166 -22.33 18.11 -26.64
N ALA A 167 -21.23 17.53 -26.13
CA ALA A 167 -21.22 16.80 -24.84
C ALA A 167 -19.85 16.92 -24.17
N LEU A 168 -19.86 17.02 -22.84
CA LEU A 168 -18.68 16.84 -21.95
C LEU A 168 -19.07 15.79 -20.91
N SER A 169 -18.30 14.70 -20.81
CA SER A 169 -18.43 13.67 -19.75
C SER A 169 -17.35 13.88 -18.70
N MET A 170 -17.75 14.20 -17.46
CA MET A 170 -16.84 14.26 -16.28
C MET A 170 -16.73 12.86 -15.66
N THR A 171 -15.52 12.46 -15.29
CA THR A 171 -15.25 11.24 -14.48
C THR A 171 -15.06 11.68 -13.02
N ILE A 172 -15.85 11.11 -12.12
CA ILE A 172 -15.82 11.40 -10.65
C ILE A 172 -15.43 10.12 -9.92
N PRO A 173 -14.43 10.17 -9.00
CA PRO A 173 -14.03 9.00 -8.24
C PRO A 173 -14.96 8.76 -7.03
N LEU A 174 -15.50 7.54 -6.90
CA LEU A 174 -16.31 7.11 -5.74
C LEU A 174 -15.52 6.10 -4.91
N GLY A 175 -14.21 5.97 -5.17
CA GLY A 175 -13.29 5.09 -4.44
C GLY A 175 -13.34 3.66 -4.93
N GLU A 176 -12.28 2.88 -4.65
CA GLU A 176 -12.19 1.43 -4.95
C GLU A 176 -12.43 1.18 -6.45
N GLY A 177 -11.96 2.09 -7.32
CA GLY A 177 -12.02 1.94 -8.79
C GLY A 177 -13.41 2.21 -9.38
N ILE A 178 -14.37 2.59 -8.53
CA ILE A 178 -15.79 2.88 -8.91
C ILE A 178 -15.88 4.35 -9.29
N HIS A 179 -16.53 4.65 -10.41
CA HIS A 179 -16.65 6.03 -10.96
C HIS A 179 -18.12 6.41 -11.15
N ARG A 180 -18.40 7.70 -10.95
CA ARG A 180 -19.65 8.40 -11.34
C ARG A 180 -19.35 9.21 -12.59
N ARG A 181 -20.28 9.24 -13.54
CA ARG A 181 -20.13 10.00 -14.81
C ARG A 181 -21.18 11.11 -14.82
N MET A 182 -20.73 12.37 -14.89
CA MET A 182 -21.58 13.58 -15.01
C MET A 182 -21.46 14.10 -16.45
N VAL A 183 -22.46 13.80 -17.29
CA VAL A 183 -22.46 14.20 -18.73
C VAL A 183 -23.30 15.49 -18.87
N TYR A 184 -22.72 16.53 -19.47
CA TYR A 184 -23.38 17.83 -19.77
C TYR A 184 -23.56 17.92 -21.28
N VAL A 185 -24.81 18.05 -21.76
CA VAL A 185 -25.13 18.02 -23.22
C VAL A 185 -25.82 19.34 -23.62
N GLU A 186 -25.44 19.86 -24.79
CA GLU A 186 -26.29 20.73 -25.64
C GLU A 186 -27.20 19.82 -26.46
N LEU A 187 -28.52 20.00 -26.35
CA LEU A 187 -29.52 19.21 -27.13
C LEU A 187 -29.63 19.78 -28.54
N GLU A 188 -29.63 18.92 -29.56
CA GLU A 188 -30.02 19.27 -30.96
CA GLU A 188 -30.01 19.29 -30.95
C GLU A 188 -31.51 19.60 -30.97
N GLU A 189 -31.92 20.53 -31.83
CA GLU A 189 -33.34 20.89 -32.13
C GLU A 189 -34.22 19.62 -32.12
N GLY A 190 -35.25 19.62 -31.26
CA GLY A 190 -36.34 18.63 -31.26
C GLY A 190 -36.02 17.34 -30.50
N ALA A 191 -34.88 17.28 -29.80
CA ALA A 191 -34.45 16.11 -29.00
C ALA A 191 -34.66 16.44 -27.51
N THR A 192 -35.12 15.46 -26.73
CA THR A 192 -35.40 15.62 -25.27
C THR A 192 -34.24 15.05 -24.45
N LEU A 193 -34.12 15.51 -23.20
CA LEU A 193 -33.13 15.00 -22.22
C LEU A 193 -33.34 13.50 -21.99
N ASP A 194 -34.61 13.06 -21.83
CA ASP A 194 -34.98 11.65 -21.53
C ASP A 194 -34.48 10.72 -22.63
N GLU A 195 -34.60 11.13 -23.90
CA GLU A 195 -34.20 10.34 -25.08
C GLU A 195 -32.68 10.18 -25.09
N VAL A 196 -31.97 11.31 -25.04
CA VAL A 196 -30.48 11.39 -25.03
C VAL A 196 -29.94 10.56 -23.84
N THR A 197 -30.56 10.68 -22.67
CA THR A 197 -30.16 9.99 -21.41
C THR A 197 -30.20 8.47 -21.65
N LYS A 198 -31.32 7.95 -22.15
CA LYS A 198 -31.53 6.49 -22.38
C LYS A 198 -30.49 5.99 -23.39
N GLU A 199 -30.14 6.82 -24.38
CA GLU A 199 -29.18 6.48 -25.46
C GLU A 199 -27.76 6.41 -24.88
N ILE A 200 -27.37 7.40 -24.06
CA ILE A 200 -26.04 7.46 -23.38
C ILE A 200 -25.89 6.27 -22.42
N LYS A 201 -26.85 6.03 -21.53
CA LYS A 201 -26.77 5.00 -20.45
C LYS A 201 -26.82 3.59 -21.05
N ALA A 202 -27.30 3.44 -22.29
CA ALA A 202 -27.42 2.14 -22.99
C ALA A 202 -26.02 1.66 -23.41
N ASP A 203 -25.11 2.59 -23.69
CA ASP A 203 -23.73 2.30 -24.19
C ASP A 203 -22.91 1.67 -23.07
N PRO A 204 -22.16 0.58 -23.35
CA PRO A 204 -21.25 -0.02 -22.37
C PRO A 204 -20.34 0.94 -21.59
N TYR A 205 -19.90 2.04 -22.22
CA TYR A 205 -19.07 3.12 -21.60
C TYR A 205 -19.78 3.72 -20.37
N PHE A 206 -21.12 3.62 -20.28
CA PHE A 206 -21.92 4.26 -19.20
C PHE A 206 -22.81 3.27 -18.44
N ALA A 207 -23.15 2.10 -19.01
CA ALA A 207 -24.25 1.24 -18.54
C ALA A 207 -23.94 0.62 -17.17
N HIS A 208 -22.65 0.51 -16.81
CA HIS A 208 -22.17 -0.18 -15.59
C HIS A 208 -21.74 0.85 -14.52
N ASP A 209 -21.84 2.14 -14.82
CA ASP A 209 -21.43 3.25 -13.93
C ASP A 209 -22.63 4.14 -13.63
N GLU A 210 -22.76 4.61 -12.38
CA GLU A 210 -23.74 5.64 -11.98
C GLU A 210 -23.53 6.85 -12.90
N THR A 211 -24.52 7.18 -13.72
CA THR A 211 -24.45 8.24 -14.76
C THR A 211 -25.60 9.23 -14.57
N HIS A 212 -25.27 10.52 -14.59
CA HIS A 212 -26.23 11.66 -14.55
C HIS A 212 -26.00 12.49 -15.80
N VAL A 213 -27.08 12.74 -16.57
CA VAL A 213 -27.05 13.55 -17.82
C VAL A 213 -27.87 14.82 -17.56
N MET A 214 -27.23 15.98 -17.73
CA MET A 214 -27.82 17.32 -17.55
C MET A 214 -27.75 18.06 -18.90
N ALA A 215 -28.79 18.86 -19.21
CA ALA A 215 -28.82 19.77 -20.37
C ALA A 215 -28.19 21.10 -19.97
N VAL A 216 -27.40 21.70 -20.86
CA VAL A 216 -26.73 23.03 -20.62
C VAL A 216 -26.77 23.85 -21.91
N ASP A 217 -26.71 25.17 -21.76
CA ASP A 217 -26.69 26.14 -22.90
C ASP A 217 -25.36 26.02 -23.64
N SER A 218 -24.23 25.89 -22.92
CA SER A 218 -22.87 25.77 -23.49
C SER A 218 -22.04 24.71 -22.77
N VAL A 219 -21.50 23.77 -23.53
CA VAL A 219 -20.52 22.75 -23.05
C VAL A 219 -19.17 23.43 -22.81
N ASP A 220 -18.78 24.37 -23.68
CA ASP A 220 -17.48 25.10 -23.56
C ASP A 220 -17.45 25.87 -22.23
N ALA A 221 -18.60 26.33 -21.75
CA ALA A 221 -18.72 27.14 -20.51
C ALA A 221 -18.48 26.28 -19.26
N VAL A 222 -18.45 24.95 -19.39
CA VAL A 222 -18.27 24.01 -18.24
C VAL A 222 -16.97 23.19 -18.39
N LYS A 223 -16.20 23.39 -19.47
CA LYS A 223 -14.89 22.72 -19.71
C LYS A 223 -13.82 23.22 -18.73
N ASP A 224 -12.98 22.31 -18.23
CA ASP A 224 -11.72 22.62 -17.50
C ASP A 224 -10.76 21.42 -17.67
N MET A 225 -9.50 21.70 -17.98
CA MET A 225 -8.46 20.69 -18.30
C MET A 225 -7.90 20.07 -17.02
N GLY A 226 -8.21 20.66 -15.85
CA GLY A 226 -7.90 20.06 -14.54
C GLY A 226 -8.37 18.62 -14.45
N HIS A 227 -7.56 17.76 -13.85
CA HIS A 227 -7.83 16.31 -13.67
C HIS A 227 -7.05 15.83 -12.45
N GLY A 228 -7.08 14.54 -12.15
CA GLY A 228 -6.46 14.01 -10.93
C GLY A 228 -6.53 12.51 -10.88
N VAL A 229 -5.80 11.93 -9.93
CA VAL A 229 -5.87 10.48 -9.65
C VAL A 229 -5.65 10.28 -8.15
N HIS A 230 -6.26 9.25 -7.59
CA HIS A 230 -5.95 8.68 -6.26
C HIS A 230 -5.66 7.19 -6.48
N LEU A 231 -4.39 6.79 -6.43
CA LEU A 231 -3.95 5.37 -6.45
C LEU A 231 -3.81 4.92 -5.00
N VAL A 232 -4.50 3.83 -4.65
CA VAL A 232 -4.55 3.28 -3.27
C VAL A 232 -4.05 1.84 -3.35
N ARG A 233 -3.21 1.41 -2.39
CA ARG A 233 -2.92 -0.02 -2.18
C ARG A 233 -2.97 -0.33 -0.69
N LYS A 234 -3.71 -1.39 -0.35
CA LYS A 234 -3.76 -2.00 0.99
C LYS A 234 -3.41 -3.49 0.83
N GLY A 235 -2.37 -3.97 1.51
CA GLY A 235 -1.90 -5.35 1.33
C GLY A 235 -0.80 -5.75 2.29
N VAL A 236 -0.13 -6.85 1.97
CA VAL A 236 0.81 -7.60 2.86
C VAL A 236 2.24 -7.40 2.35
N SER A 237 3.14 -6.92 3.21
CA SER A 237 4.62 -7.06 3.06
C SER A 237 5.07 -8.31 3.82
N GLY A 238 5.67 -9.29 3.13
CA GLY A 238 6.00 -10.60 3.70
C GLY A 238 4.75 -11.28 4.20
N LYS A 239 4.57 -11.38 5.52
CA LYS A 239 3.32 -11.83 6.18
C LYS A 239 2.72 -10.71 7.05
N THR A 240 3.29 -9.49 6.99
CA THR A 240 2.81 -8.33 7.80
C THR A 240 1.63 -7.67 7.09
N GLN A 241 0.44 -7.78 7.69
CA GLN A 241 -0.85 -7.35 7.10
C GLN A 241 -1.03 -5.84 7.26
N ASN A 242 -1.94 -5.26 6.48
CA ASN A 242 -2.49 -3.89 6.64
C ASN A 242 -1.44 -2.82 6.28
N GLN A 243 -0.54 -3.11 5.33
CA GLN A 243 0.38 -2.08 4.76
C GLN A 243 -0.42 -1.20 3.81
N ARG A 244 -0.50 0.11 4.10
CA ARG A 244 -1.31 1.09 3.34
C ARG A 244 -0.40 2.14 2.70
N MET A 245 -0.71 2.52 1.47
CA MET A 245 0.03 3.54 0.70
C MET A 245 -0.92 4.16 -0.32
N GLU A 246 -0.70 5.43 -0.66
CA GLU A 246 -1.59 6.23 -1.52
C GLU A 246 -0.75 7.20 -2.33
N PHE A 247 -1.17 7.49 -3.56
CA PHE A 247 -0.56 8.50 -4.46
C PHE A 247 -1.70 9.31 -5.08
N SER A 248 -1.57 10.62 -5.10
CA SER A 248 -2.64 11.53 -5.57
C SER A 248 -2.02 12.66 -6.41
N MET A 249 -2.79 13.16 -7.37
CA MET A 249 -2.41 14.34 -8.19
C MET A 249 -3.63 15.23 -8.36
N SER A 250 -3.42 16.53 -8.28
CA SER A 250 -4.30 17.59 -8.82
C SER A 250 -3.50 18.33 -9.90
N ILE A 251 -3.75 18.01 -11.18
CA ILE A 251 -2.86 18.44 -12.29
C ILE A 251 -3.70 18.92 -13.48
N ASN A 252 -3.07 19.73 -14.33
CA ASN A 252 -3.51 20.01 -15.71
C ASN A 252 -3.23 18.76 -16.56
N ASN A 253 -4.27 18.17 -17.14
CA ASN A 253 -4.22 16.85 -17.83
C ASN A 253 -3.25 16.90 -19.01
N PRO A 254 -3.53 17.66 -20.09
CA PRO A 254 -2.63 17.69 -21.26
C PRO A 254 -1.22 18.21 -20.95
N ALA A 255 -1.10 19.21 -20.08
CA ALA A 255 0.19 19.81 -19.66
C ALA A 255 1.11 18.72 -19.09
N LEU A 256 0.56 17.81 -18.27
CA LEU A 256 1.33 16.74 -17.62
C LEU A 256 1.74 15.70 -18.66
N THR A 257 0.80 15.24 -19.48
CA THR A 257 1.04 14.24 -20.55
C THR A 257 2.23 14.69 -21.41
N ALA A 258 2.25 15.97 -21.79
CA ALA A 258 3.29 16.61 -22.63
C ALA A 258 4.65 16.48 -21.95
N GLN A 259 4.71 16.79 -20.65
CA GLN A 259 5.95 16.76 -19.83
C GLN A 259 6.46 15.31 -19.73
N VAL A 260 5.57 14.34 -19.54
CA VAL A 260 5.99 12.90 -19.48
C VAL A 260 6.53 12.49 -20.86
N LEU A 261 5.88 12.93 -21.94
CA LEU A 261 6.31 12.63 -23.34
C LEU A 261 7.74 13.15 -23.56
N VAL A 262 8.02 14.39 -23.15
CA VAL A 262 9.39 14.98 -23.20
C VAL A 262 10.34 14.12 -22.37
N ASN A 263 9.91 13.64 -21.19
CA ASN A 263 10.73 12.84 -20.26
C ASN A 263 11.12 11.51 -20.91
N VAL A 264 10.18 10.82 -21.57
CA VAL A 264 10.45 9.51 -22.22
C VAL A 264 11.22 9.74 -23.53
N ALA A 265 11.04 10.87 -24.20
CA ALA A 265 11.86 11.28 -25.37
C ALA A 265 13.32 11.31 -24.93
N ARG A 266 13.59 11.94 -23.78
CA ARG A 266 14.94 12.00 -23.13
C ARG A 266 15.41 10.58 -22.79
N ALA A 267 14.57 9.78 -22.15
CA ALA A 267 14.89 8.42 -21.66
C ALA A 267 15.29 7.53 -22.85
N SER A 268 14.63 7.69 -24.01
CA SER A 268 14.76 6.81 -25.20
C SER A 268 16.22 6.82 -25.73
N MET A 269 16.96 7.91 -25.50
CA MET A 269 18.37 8.08 -25.92
C MET A 269 19.31 7.15 -25.13
N HIS A 270 18.87 6.56 -24.01
CA HIS A 270 19.73 5.81 -23.06
C HIS A 270 19.31 4.33 -22.96
N GLN A 271 18.48 3.82 -23.88
CA GLN A 271 18.03 2.40 -23.86
C GLN A 271 18.65 1.65 -25.03
N GLN A 272 18.80 0.33 -24.88
CA GLN A 272 19.08 -0.63 -25.98
C GLN A 272 17.88 -0.59 -26.94
N PRO A 273 18.08 -0.84 -28.26
CA PRO A 273 16.96 -0.84 -29.20
C PRO A 273 15.84 -1.79 -28.74
N GLY A 274 14.59 -1.41 -28.99
CA GLY A 274 13.38 -2.18 -28.61
C GLY A 274 12.23 -1.28 -28.23
N CYS A 275 11.08 -1.89 -27.92
CA CYS A 275 9.85 -1.19 -27.47
C CYS A 275 9.68 -1.36 -25.96
N TYR A 276 9.44 -0.25 -25.24
CA TYR A 276 9.32 -0.20 -23.76
C TYR A 276 8.03 0.50 -23.34
N THR A 277 7.35 -0.02 -22.32
CA THR A 277 6.41 0.72 -21.44
C THR A 277 7.24 1.42 -20.37
N MET A 278 6.66 2.36 -19.62
CA MET A 278 7.40 3.21 -18.66
C MET A 278 7.83 2.39 -17.43
N VAL A 279 7.17 1.27 -17.15
CA VAL A 279 7.54 0.38 -16.00
C VAL A 279 8.82 -0.38 -16.33
N GLU A 280 9.32 -0.26 -17.57
CA GLU A 280 10.57 -0.93 -18.05
C GLU A 280 11.70 0.11 -18.20
N ILE A 281 11.46 1.34 -17.74
CA ILE A 281 12.41 2.48 -17.88
C ILE A 281 12.86 2.92 -16.49
N PRO A 282 14.18 2.97 -16.19
CA PRO A 282 14.66 3.51 -14.92
C PRO A 282 14.20 4.96 -14.79
N VAL A 283 13.60 5.33 -13.65
CA VAL A 283 12.96 6.66 -13.44
C VAL A 283 14.03 7.76 -13.57
N ILE A 284 15.30 7.46 -13.30
CA ILE A 284 16.41 8.46 -13.37
C ILE A 284 16.63 8.92 -14.81
N ASP A 285 16.30 8.08 -15.80
CA ASP A 285 16.45 8.40 -17.25
C ASP A 285 15.39 9.44 -17.67
N LEU A 286 14.33 9.61 -16.87
CA LEU A 286 13.23 10.57 -17.13
C LEU A 286 13.70 12.01 -16.86
N LEU A 287 14.74 12.17 -16.02
CA LEU A 287 15.28 13.48 -15.59
C LEU A 287 16.56 13.84 -16.37
N ALA A 288 16.83 15.13 -16.54
CA ALA A 288 18.08 15.68 -17.11
C ALA A 288 19.15 15.73 -16.01
N GLY A 289 20.43 15.62 -16.39
CA GLY A 289 21.60 15.72 -15.50
C GLY A 289 22.35 14.41 -15.41
N GLU A 290 23.56 14.42 -14.84
CA GLU A 290 24.36 13.17 -14.68
C GLU A 290 23.82 12.41 -13.46
N ARG A 291 23.87 11.08 -13.56
CA ARG A 291 23.28 10.11 -12.60
C ARG A 291 23.71 10.47 -11.17
N GLU A 292 24.98 10.80 -10.96
CA GLU A 292 25.56 11.05 -9.61
C GLU A 292 24.90 12.26 -8.96
N ASP A 293 24.77 13.37 -9.69
CA ASP A 293 24.13 14.62 -9.20
C ASP A 293 22.68 14.34 -8.81
N LEU A 294 21.98 13.52 -9.61
CA LEU A 294 20.55 13.17 -9.40
C LEU A 294 20.40 12.24 -8.21
N ILE A 295 21.33 11.28 -8.03
CA ILE A 295 21.32 10.31 -6.89
C ILE A 295 21.56 11.07 -5.59
N LYS A 296 22.51 12.01 -5.57
CA LYS A 296 22.82 12.85 -4.38
C LYS A 296 21.54 13.59 -3.96
N ALA A 297 20.82 14.15 -4.94
CA ALA A 297 19.65 15.03 -4.75
C ALA A 297 18.41 14.24 -4.29
N LEU A 298 18.19 13.02 -4.82
CA LEU A 298 16.87 12.34 -4.78
C LEU A 298 16.89 11.02 -3.99
N VAL A 299 17.99 10.28 -3.98
CA VAL A 299 18.12 8.98 -3.26
C VAL A 299 18.55 9.28 -1.81
N LYS B 2 15.30 -21.81 -12.07
CA LYS B 2 13.96 -21.16 -11.91
C LYS B 2 13.95 -20.33 -10.62
N LYS B 3 13.78 -20.97 -9.45
CA LYS B 3 13.62 -20.27 -8.15
C LYS B 3 14.93 -19.58 -7.77
N ILE B 4 14.84 -18.38 -7.22
CA ILE B 4 16.02 -17.55 -6.82
C ILE B 4 16.49 -18.03 -5.44
N ARG B 5 17.78 -18.34 -5.33
CA ARG B 5 18.41 -18.92 -4.11
C ARG B 5 19.05 -17.78 -3.31
N ALA B 6 18.42 -17.40 -2.21
CA ALA B 6 18.79 -16.21 -1.40
C ALA B 6 19.39 -16.66 -0.06
N ALA B 7 20.45 -15.97 0.36
CA ALA B 7 21.00 -16.03 1.72
C ALA B 7 20.72 -14.70 2.42
N ILE B 8 20.33 -14.76 3.69
CA ILE B 8 20.09 -13.58 4.57
C ILE B 8 21.30 -13.46 5.51
N VAL B 9 22.01 -12.33 5.45
CA VAL B 9 23.18 -12.02 6.33
C VAL B 9 22.72 -11.03 7.42
N GLY B 10 22.66 -11.49 8.67
CA GLY B 10 22.17 -10.72 9.83
C GLY B 10 20.79 -11.20 10.23
N TYR B 11 20.48 -11.17 11.54
CA TYR B 11 19.16 -11.57 12.08
C TYR B 11 18.74 -10.60 13.18
N GLY B 12 18.97 -9.31 12.96
CA GLY B 12 18.24 -8.21 13.62
C GLY B 12 16.78 -8.24 13.22
N ASN B 13 16.05 -7.14 13.46
CA ASN B 13 14.61 -7.03 13.10
C ASN B 13 14.47 -7.23 11.58
N ILE B 14 15.26 -6.52 10.78
CA ILE B 14 15.19 -6.60 9.30
C ILE B 14 15.35 -8.07 8.88
N GLY B 15 16.33 -8.77 9.44
CA GLY B 15 16.57 -10.21 9.16
C GLY B 15 15.33 -11.07 9.40
N LYS B 16 14.63 -10.88 10.52
CA LYS B 16 13.44 -11.69 10.90
C LYS B 16 12.36 -11.48 9.84
N PHE B 17 12.12 -10.22 9.46
CA PHE B 17 11.07 -9.81 8.50
C PHE B 17 11.47 -10.23 7.09
N THR B 18 12.78 -10.30 6.81
CA THR B 18 13.34 -10.77 5.50
C THR B 18 13.08 -12.27 5.32
N VAL B 19 13.18 -13.06 6.37
CA VAL B 19 12.82 -14.51 6.34
C VAL B 19 11.36 -14.61 5.89
N GLU B 20 10.47 -13.85 6.55
CA GLU B 20 9.00 -13.87 6.29
C GLU B 20 8.73 -13.44 4.84
N ALA B 21 9.47 -12.45 4.32
CA ALA B 21 9.30 -11.92 2.95
C ALA B 21 9.76 -12.98 1.92
N VAL B 22 10.86 -13.67 2.21
CA VAL B 22 11.43 -14.74 1.33
C VAL B 22 10.48 -15.95 1.35
N GLU B 23 9.97 -16.32 2.53
CA GLU B 23 9.03 -17.46 2.71
C GLU B 23 7.76 -17.23 1.89
N ALA B 24 7.29 -15.98 1.78
CA ALA B 24 6.00 -15.59 1.19
C ALA B 24 6.12 -15.51 -0.35
N ALA B 25 7.35 -15.37 -0.85
CA ALA B 25 7.65 -15.24 -2.29
C ALA B 25 7.88 -16.62 -2.91
N GLU B 26 6.91 -17.11 -3.67
CA GLU B 26 6.85 -18.45 -4.32
C GLU B 26 8.07 -18.66 -5.25
N ASP B 27 8.64 -17.57 -5.79
CA ASP B 27 9.76 -17.61 -6.76
C ASP B 27 11.11 -17.55 -6.03
N PHE B 28 11.15 -17.77 -4.72
CA PHE B 28 12.38 -17.70 -3.89
C PHE B 28 12.57 -19.01 -3.11
N GLU B 29 13.85 -19.34 -2.87
CA GLU B 29 14.32 -20.45 -2.00
C GLU B 29 15.28 -19.84 -0.97
N LEU B 30 14.98 -19.99 0.32
CA LEU B 30 15.87 -19.53 1.42
C LEU B 30 16.93 -20.63 1.65
N VAL B 31 18.14 -20.39 1.16
CA VAL B 31 19.28 -21.35 1.26
C VAL B 31 19.69 -21.44 2.74
N GLY B 32 19.93 -20.29 3.36
CA GLY B 32 20.26 -20.20 4.80
C GLY B 32 20.44 -18.77 5.29
N ILE B 33 20.61 -18.63 6.60
CA ILE B 33 20.86 -17.34 7.32
C ILE B 33 22.31 -17.35 7.80
N VAL B 34 23.02 -16.25 7.63
CA VAL B 34 24.43 -16.05 8.12
C VAL B 34 24.40 -15.19 9.38
N ARG B 35 24.70 -15.79 10.53
CA ARG B 35 24.87 -15.08 11.83
C ARG B 35 26.32 -15.23 12.28
N ARG B 36 26.87 -14.20 12.93
CA ARG B 36 28.21 -14.24 13.61
C ARG B 36 28.27 -15.50 14.49
N GLN B 37 27.18 -15.77 15.22
CA GLN B 37 27.05 -16.87 16.22
C GLN B 37 26.61 -18.19 15.56
N GLY B 38 26.40 -18.23 14.25
CA GLY B 38 25.94 -19.42 13.51
C GLY B 38 24.66 -20.01 14.10
N ALA B 39 24.60 -21.35 14.18
CA ALA B 39 23.38 -22.14 14.53
C ALA B 39 23.13 -22.12 16.04
N GLU B 40 24.07 -21.55 16.80
CA GLU B 40 24.03 -21.54 18.28
C GLU B 40 22.75 -20.81 18.71
N ASN B 41 22.02 -21.37 19.67
CA ASN B 41 20.77 -20.80 20.23
C ASN B 41 19.82 -20.42 19.09
N LYS B 42 19.69 -21.29 18.08
CA LYS B 42 18.81 -21.09 16.89
C LYS B 42 17.41 -20.72 17.37
N PRO B 43 16.87 -19.55 16.96
CA PRO B 43 15.46 -19.22 17.22
C PRO B 43 14.52 -20.28 16.62
N ALA B 44 13.36 -20.49 17.23
CA ALA B 44 12.35 -21.50 16.86
C ALA B 44 11.95 -21.33 15.38
N GLU B 45 11.81 -20.08 14.92
CA GLU B 45 11.29 -19.75 13.56
C GLU B 45 12.36 -19.99 12.49
N LEU B 46 13.61 -20.27 12.87
CA LEU B 46 14.70 -20.62 11.92
C LEU B 46 14.94 -22.14 11.90
N ALA B 47 14.11 -22.92 12.62
CA ALA B 47 14.20 -24.40 12.71
C ALA B 47 14.40 -24.99 11.31
N PRO B 48 13.55 -24.65 10.31
CA PRO B 48 13.60 -25.30 9.00
C PRO B 48 14.81 -24.96 8.12
N TYR B 49 15.67 -24.02 8.54
CA TYR B 49 16.73 -23.40 7.68
C TYR B 49 18.11 -23.64 8.28
N LYS B 50 19.10 -23.84 7.40
CA LYS B 50 20.54 -23.92 7.77
C LYS B 50 20.96 -22.53 8.26
N VAL B 51 21.62 -22.46 9.42
CA VAL B 51 22.21 -21.21 9.97
C VAL B 51 23.71 -21.43 10.15
N VAL B 52 24.54 -20.52 9.62
CA VAL B 52 26.02 -20.68 9.52
C VAL B 52 26.71 -19.37 9.91
N GLN B 53 28.04 -19.38 10.08
CA GLN B 53 28.86 -18.22 10.52
C GLN B 53 29.38 -17.44 9.31
N ASP B 54 29.54 -18.11 8.17
CA ASP B 54 30.13 -17.54 6.92
C ASP B 54 29.34 -18.07 5.72
N ILE B 55 29.15 -17.24 4.70
CA ILE B 55 28.25 -17.53 3.54
C ILE B 55 28.85 -18.65 2.68
N LYS B 56 30.17 -18.86 2.76
CA LYS B 56 30.88 -19.95 2.02
C LYS B 56 30.33 -21.31 2.45
N GLU B 57 29.80 -21.43 3.67
CA GLU B 57 29.21 -22.69 4.23
C GLU B 57 27.87 -23.02 3.56
N LEU B 58 27.29 -22.08 2.79
CA LEU B 58 26.02 -22.28 2.05
C LEU B 58 26.32 -22.64 0.59
N GLU B 59 25.36 -23.27 -0.09
CA GLU B 59 25.54 -23.85 -1.43
C GLU B 59 24.60 -23.18 -2.43
N GLY B 60 25.15 -22.73 -3.57
CA GLY B 60 24.39 -22.26 -4.75
C GLY B 60 23.63 -20.98 -4.47
N VAL B 61 24.28 -20.00 -3.84
CA VAL B 61 23.65 -18.70 -3.47
C VAL B 61 23.72 -17.77 -4.68
N ASP B 62 22.56 -17.39 -5.22
CA ASP B 62 22.42 -16.39 -6.31
C ASP B 62 22.65 -14.98 -5.75
N VAL B 63 22.05 -14.68 -4.59
CA VAL B 63 22.00 -13.31 -4.02
C VAL B 63 22.05 -13.38 -2.50
N ALA B 64 22.88 -12.52 -1.90
CA ALA B 64 22.98 -12.27 -0.46
C ALA B 64 22.20 -10.99 -0.11
N ILE B 65 21.15 -11.12 0.71
CA ILE B 65 20.41 -9.97 1.31
C ILE B 65 21.16 -9.55 2.59
N LEU B 66 21.75 -8.37 2.59
CA LEU B 66 22.53 -7.82 3.72
C LEU B 66 21.58 -7.12 4.70
N ALA B 67 21.06 -7.87 5.68
CA ALA B 67 20.28 -7.36 6.83
C ALA B 67 21.24 -6.96 7.95
N THR B 68 22.29 -6.21 7.59
CA THR B 68 23.41 -5.81 8.48
C THR B 68 23.26 -4.34 8.82
N PRO B 69 23.90 -3.86 9.92
CA PRO B 69 24.03 -2.41 10.14
C PRO B 69 24.65 -1.73 8.92
N SER B 70 24.29 -0.46 8.69
CA SER B 70 24.72 0.34 7.52
C SER B 70 26.25 0.43 7.45
N ARG B 71 26.91 0.59 8.60
CA ARG B 71 28.39 0.74 8.72
C ARG B 71 29.10 -0.54 8.25
N SER B 72 28.40 -1.68 8.22
CA SER B 72 28.94 -3.03 7.88
C SER B 72 28.63 -3.43 6.43
N CYS B 73 27.85 -2.65 5.68
CA CYS B 73 27.31 -3.05 4.35
C CYS B 73 28.44 -3.22 3.33
N LYS B 74 29.29 -2.21 3.16
CA LYS B 74 30.39 -2.19 2.15
C LYS B 74 31.36 -3.33 2.42
N GLU B 75 31.74 -3.53 3.69
CA GLU B 75 32.65 -4.61 4.16
C GLU B 75 32.13 -5.98 3.68
N TYR B 76 30.86 -6.30 3.97
CA TYR B 76 30.24 -7.62 3.65
C TYR B 76 30.06 -7.75 2.13
N ALA B 77 29.77 -6.65 1.43
CA ALA B 77 29.59 -6.63 -0.04
C ALA B 77 30.92 -6.95 -0.73
N GLU B 78 31.99 -6.24 -0.36
CA GLU B 78 33.36 -6.40 -0.92
C GLU B 78 33.87 -7.83 -0.70
N LYS B 79 33.32 -8.55 0.28
CA LYS B 79 33.73 -9.92 0.68
C LYS B 79 32.85 -10.96 -0.05
N ILE B 80 31.60 -10.64 -0.38
CA ILE B 80 30.62 -11.61 -0.97
C ILE B 80 30.62 -11.52 -2.50
N LEU B 81 31.03 -10.39 -3.09
CA LEU B 81 31.04 -10.21 -4.58
C LEU B 81 32.09 -11.12 -5.22
N PRO B 82 33.34 -11.20 -4.70
CA PRO B 82 34.35 -12.11 -5.26
C PRO B 82 33.91 -13.58 -5.36
N LEU B 83 32.89 -13.99 -4.58
CA LEU B 83 32.32 -15.37 -4.59
C LEU B 83 31.38 -15.54 -5.79
N GLY B 84 31.20 -14.51 -6.63
CA GLY B 84 30.29 -14.52 -7.79
C GLY B 84 28.83 -14.46 -7.36
N ILE B 85 28.56 -13.81 -6.24
CA ILE B 85 27.21 -13.72 -5.59
C ILE B 85 26.76 -12.24 -5.61
N ASN B 86 25.48 -12.02 -5.94
CA ASN B 86 24.86 -10.66 -5.96
C ASN B 86 24.55 -10.24 -4.52
N THR B 87 24.64 -8.93 -4.23
CA THR B 87 24.34 -8.34 -2.91
C THR B 87 23.25 -7.27 -3.05
N VAL B 88 22.29 -7.28 -2.13
CA VAL B 88 21.30 -6.18 -1.94
C VAL B 88 21.36 -5.73 -0.48
N ASP B 89 21.19 -4.43 -0.23
CA ASP B 89 21.24 -3.83 1.13
C ASP B 89 20.34 -2.59 1.18
N SER B 90 19.97 -2.17 2.40
CA SER B 90 19.15 -0.97 2.69
C SER B 90 20.02 0.13 3.31
N PHE B 91 21.31 0.19 2.96
CA PHE B 91 22.28 1.22 3.42
C PHE B 91 21.60 2.59 3.40
N ASP B 92 21.51 3.25 4.55
CA ASP B 92 20.56 4.38 4.79
C ASP B 92 21.29 5.66 5.21
N ILE B 93 22.59 5.80 4.90
CA ILE B 93 23.36 7.06 5.12
C ILE B 93 23.38 7.84 3.81
N HIS B 94 22.43 8.78 3.62
CA HIS B 94 22.14 9.47 2.33
C HIS B 94 23.42 10.11 1.78
N THR B 95 24.28 10.64 2.65
CA THR B 95 25.49 11.43 2.30
C THR B 95 26.58 10.52 1.68
N ASP B 96 26.55 9.21 1.95
CA ASP B 96 27.63 8.26 1.54
C ASP B 96 27.23 7.44 0.31
N ILE B 97 26.01 7.59 -0.20
CA ILE B 97 25.41 6.68 -1.22
C ILE B 97 26.22 6.76 -2.53
N VAL B 98 26.60 7.97 -2.98
CA VAL B 98 27.35 8.16 -4.25
C VAL B 98 28.70 7.40 -4.15
N ASP B 99 29.42 7.57 -3.03
CA ASP B 99 30.75 6.97 -2.79
C ASP B 99 30.63 5.46 -2.65
N TYR B 100 29.61 4.98 -1.93
CA TYR B 100 29.33 3.53 -1.75
C TYR B 100 29.10 2.90 -3.13
N ARG B 101 28.43 3.61 -4.04
CA ARG B 101 28.07 3.12 -5.40
C ARG B 101 29.33 3.06 -6.27
N SER B 102 30.15 4.12 -6.28
CA SER B 102 31.45 4.24 -7.02
C SER B 102 32.41 3.13 -6.58
N ALA B 103 32.44 2.80 -5.28
CA ALA B 103 33.33 1.80 -4.67
C ALA B 103 33.01 0.39 -5.19
N LEU B 104 31.74 0.00 -5.18
CA LEU B 104 31.29 -1.37 -5.56
C LEU B 104 31.32 -1.54 -7.09
N MET B 105 31.11 -0.46 -7.86
CA MET B 105 30.90 -0.51 -9.33
C MET B 105 31.99 -1.38 -9.99
N PRO B 106 33.29 -1.04 -9.88
CA PRO B 106 34.34 -1.80 -10.56
C PRO B 106 34.45 -3.25 -10.05
N LEU B 107 34.25 -3.46 -8.74
CA LEU B 107 34.27 -4.79 -8.09
C LEU B 107 33.14 -5.66 -8.64
N CYS B 108 31.94 -5.08 -8.78
CA CYS B 108 30.74 -5.74 -9.33
C CYS B 108 31.00 -6.22 -10.77
N LYS B 109 31.59 -5.35 -11.59
CA LYS B 109 31.85 -5.61 -13.04
C LYS B 109 32.91 -6.71 -13.18
N GLU B 110 33.99 -6.60 -12.40
CA GLU B 110 35.13 -7.57 -12.38
C GLU B 110 34.62 -9.00 -12.17
N HIS B 111 33.61 -9.18 -11.31
CA HIS B 111 33.10 -10.51 -10.85
C HIS B 111 31.77 -10.87 -11.53
N HIS B 112 31.38 -10.15 -12.59
CA HIS B 112 30.14 -10.40 -13.40
C HIS B 112 28.96 -10.61 -12.45
N ALA B 113 28.74 -9.66 -11.55
CA ALA B 113 27.73 -9.71 -10.46
C ALA B 113 27.09 -8.33 -10.26
N VAL B 114 25.93 -8.31 -9.61
CA VAL B 114 25.08 -7.10 -9.42
C VAL B 114 24.96 -6.79 -7.92
N SER B 115 25.21 -5.54 -7.54
CA SER B 115 24.90 -4.96 -6.21
C SER B 115 23.81 -3.89 -6.37
N ILE B 116 22.69 -4.05 -5.66
CA ILE B 116 21.67 -2.97 -5.50
C ILE B 116 21.74 -2.47 -4.06
N ILE B 117 22.19 -1.23 -3.89
CA ILE B 117 22.43 -0.57 -2.58
C ILE B 117 21.24 0.31 -2.20
N SER B 118 21.14 0.67 -0.92
CA SER B 118 20.21 1.70 -0.38
C SER B 118 18.77 1.38 -0.80
N ALA B 119 18.38 0.11 -0.70
CA ALA B 119 17.07 -0.43 -1.14
C ALA B 119 16.20 -0.81 0.06
N GLY B 120 15.90 0.16 0.94
CA GLY B 120 14.79 0.10 1.89
C GLY B 120 13.59 0.84 1.31
N TRP B 121 12.80 1.52 2.15
CA TRP B 121 11.74 2.44 1.67
C TRP B 121 12.27 3.89 1.67
N ASP B 122 13.24 4.24 2.51
CA ASP B 122 13.93 5.55 2.42
C ASP B 122 15.31 5.44 3.07
N PRO B 123 16.41 5.37 2.28
CA PRO B 123 16.33 5.40 0.81
C PRO B 123 15.81 4.09 0.19
N GLY B 124 15.36 4.16 -1.06
CA GLY B 124 14.85 3.01 -1.83
C GLY B 124 13.51 3.32 -2.49
N SER B 125 12.44 2.64 -2.05
CA SER B 125 11.07 2.82 -2.56
C SER B 125 10.73 4.32 -2.71
N ASP B 126 10.84 5.11 -1.64
CA ASP B 126 10.54 6.56 -1.66
C ASP B 126 11.43 7.26 -2.69
N SER B 127 12.69 6.84 -2.84
CA SER B 127 13.67 7.41 -3.80
C SER B 127 13.09 7.35 -5.22
N VAL B 128 12.45 6.23 -5.58
CA VAL B 128 11.82 6.00 -6.92
C VAL B 128 10.69 7.02 -7.10
N VAL B 129 9.74 7.05 -6.16
CA VAL B 129 8.54 7.94 -6.20
C VAL B 129 9.02 9.39 -6.29
N ARG B 130 9.97 9.78 -5.45
CA ARG B 130 10.54 11.15 -5.37
C ARG B 130 11.06 11.55 -6.77
N THR B 131 11.77 10.64 -7.43
CA THR B 131 12.41 10.84 -8.76
C THR B 131 11.31 11.00 -9.82
N LEU B 132 10.33 10.11 -9.82
CA LEU B 132 9.16 10.21 -10.74
C LEU B 132 8.48 11.56 -10.56
N MET B 133 8.14 11.93 -9.32
CA MET B 133 7.42 13.19 -8.98
C MET B 133 8.21 14.39 -9.53
N GLN B 134 9.52 14.42 -9.33
CA GLN B 134 10.41 15.49 -9.84
C GLN B 134 10.24 15.58 -11.36
N SER B 135 10.18 14.44 -12.05
CA SER B 135 10.07 14.36 -13.53
C SER B 135 8.73 14.95 -13.98
N LEU B 136 7.65 14.73 -13.23
CA LEU B 136 6.28 15.18 -13.56
C LEU B 136 6.24 16.71 -13.60
N ALA B 137 7.05 17.38 -12.77
CA ALA B 137 7.14 18.85 -12.70
C ALA B 137 8.55 19.26 -12.30
N PRO B 138 9.52 19.30 -13.26
CA PRO B 138 10.93 19.47 -12.92
C PRO B 138 11.33 20.84 -12.34
N LYS B 139 10.40 21.80 -12.29
CA LYS B 139 10.61 23.08 -11.58
C LYS B 139 9.64 23.12 -10.38
N GLY B 140 10.12 23.58 -9.24
CA GLY B 140 9.34 23.67 -7.99
C GLY B 140 10.05 23.02 -6.82
N LEU B 141 9.28 22.53 -5.84
CA LEU B 141 9.79 22.11 -4.51
C LEU B 141 9.23 20.73 -4.15
N SER B 142 10.10 19.85 -3.67
CA SER B 142 9.77 18.53 -3.08
C SER B 142 10.03 18.57 -1.57
N TYR B 143 9.26 17.80 -0.79
CA TYR B 143 9.43 17.66 0.66
C TYR B 143 9.24 16.19 1.04
N THR B 144 10.12 15.68 1.92
CA THR B 144 10.01 14.32 2.51
C THR B 144 9.68 14.49 4.00
N ASN B 145 8.49 14.06 4.40
CA ASN B 145 7.94 14.22 5.77
C ASN B 145 7.76 12.83 6.39
N PHE B 146 8.57 12.48 7.38
CA PHE B 146 8.65 11.13 7.98
C PHE B 146 7.81 11.06 9.25
N GLY B 147 7.25 9.87 9.51
CA GLY B 147 6.58 9.53 10.78
C GLY B 147 5.09 9.85 10.74
N PRO B 148 4.39 9.74 11.88
CA PRO B 148 5.01 9.32 13.15
C PRO B 148 5.62 7.92 13.10
N GLY B 149 6.84 7.77 13.63
CA GLY B 149 7.54 6.47 13.77
C GLY B 149 8.83 6.59 14.55
N MET B 150 9.42 5.45 14.93
CA MET B 150 10.70 5.39 15.69
C MET B 150 11.86 5.65 14.74
N SER B 151 12.81 6.50 15.15
CA SER B 151 14.08 6.74 14.42
C SER B 151 15.18 5.91 15.09
N MET B 152 15.67 4.88 14.40
CA MET B 152 16.78 4.03 14.92
C MET B 152 17.98 4.93 15.20
N GLY B 153 18.38 5.75 14.23
CA GLY B 153 19.50 6.70 14.37
C GLY B 153 19.37 7.56 15.62
N HIS B 154 18.28 8.32 15.73
CA HIS B 154 18.02 9.29 16.84
C HIS B 154 17.85 8.53 18.17
N SER B 155 17.25 7.34 18.15
CA SER B 155 17.06 6.47 19.34
C SER B 155 18.42 6.05 19.90
N VAL B 156 19.31 5.52 19.06
CA VAL B 156 20.69 5.10 19.40
C VAL B 156 21.43 6.32 20.00
N CYS B 157 21.33 7.47 19.34
CA CYS B 157 21.99 8.74 19.75
C CYS B 157 21.55 9.14 21.16
N ALA B 158 20.25 9.05 21.45
CA ALA B 158 19.66 9.42 22.77
C ALA B 158 20.12 8.41 23.83
N ARG B 159 20.16 7.11 23.49
CA ARG B 159 20.59 5.99 24.38
C ARG B 159 22.03 6.20 24.86
N SER B 160 22.87 6.83 24.03
CA SER B 160 24.34 6.94 24.22
C SER B 160 24.69 8.05 25.21
N LYS B 161 23.72 8.87 25.63
CA LYS B 161 23.96 10.08 26.47
C LYS B 161 23.95 9.68 27.96
N LYS B 162 24.80 10.35 28.75
CA LYS B 162 24.94 10.15 30.21
C LYS B 162 23.57 10.33 30.87
N GLY B 163 23.16 9.39 31.72
CA GLY B 163 21.90 9.42 32.48
C GLY B 163 20.80 8.58 31.83
N VAL B 164 21.01 8.15 30.58
CA VAL B 164 19.96 7.45 29.77
C VAL B 164 20.21 5.93 29.84
N LYS B 165 19.35 5.20 30.56
CA LYS B 165 19.38 3.72 30.66
C LYS B 165 18.82 3.13 29.36
N ASN B 166 17.72 3.69 28.86
CA ASN B 166 17.07 3.32 27.58
C ASN B 166 16.39 4.56 27.00
N ALA B 167 16.23 4.61 25.67
CA ALA B 167 15.62 5.76 24.95
C ALA B 167 14.92 5.26 23.68
N LEU B 168 13.79 5.89 23.37
CA LEU B 168 13.10 5.85 22.06
C LEU B 168 12.90 7.29 21.58
N SER B 169 13.41 7.63 20.40
CA SER B 169 13.15 8.92 19.72
C SER B 169 12.11 8.71 18.62
N MET B 170 10.94 9.37 18.75
CA MET B 170 9.92 9.42 17.68
C MET B 170 10.24 10.60 16.74
N THR B 171 10.11 10.38 15.43
CA THR B 171 10.12 11.43 14.38
C THR B 171 8.67 11.77 14.03
N ILE B 172 8.31 13.06 14.14
CA ILE B 172 6.95 13.59 13.86
C ILE B 172 7.06 14.58 12.70
N PRO B 173 6.22 14.45 11.65
CA PRO B 173 6.25 15.39 10.52
C PRO B 173 5.46 16.67 10.84
N LEU B 174 6.07 17.84 10.65
CA LEU B 174 5.40 19.16 10.76
C LEU B 174 5.27 19.77 9.36
N GLY B 175 5.51 18.99 8.31
CA GLY B 175 5.38 19.44 6.90
C GLY B 175 6.60 20.15 6.40
N GLU B 176 6.77 20.22 5.08
CA GLU B 176 7.85 20.95 4.37
C GLU B 176 9.23 20.48 4.88
N GLY B 177 9.38 19.19 5.17
CA GLY B 177 10.66 18.57 5.58
C GLY B 177 11.04 18.87 7.03
N ILE B 178 10.21 19.60 7.76
CA ILE B 178 10.44 20.02 9.18
C ILE B 178 9.89 18.93 10.10
N HIS B 179 10.67 18.53 11.11
CA HIS B 179 10.33 17.41 12.03
C HIS B 179 10.37 17.87 13.49
N ARG B 180 9.46 17.29 14.29
CA ARG B 180 9.46 17.33 15.77
C ARG B 180 9.99 15.98 16.29
N ARG B 181 10.77 16.00 17.35
CA ARG B 181 11.35 14.77 17.97
C ARG B 181 10.78 14.62 19.37
N MET B 182 10.09 13.50 19.62
CA MET B 182 9.54 13.13 20.94
C MET B 182 10.40 11.99 21.51
N VAL B 183 11.30 12.31 22.43
CA VAL B 183 12.24 11.31 23.04
C VAL B 183 11.65 10.85 24.38
N TYR B 184 11.52 9.54 24.56
CA TYR B 184 11.04 8.89 25.82
C TYR B 184 12.24 8.15 26.44
N VAL B 185 12.62 8.50 27.67
CA VAL B 185 13.83 7.94 28.34
C VAL B 185 13.45 7.24 29.66
N GLU B 186 14.08 6.09 29.91
CA GLU B 186 14.32 5.54 31.27
C GLU B 186 15.57 6.21 31.81
N LEU B 187 15.46 6.85 32.98
CA LEU B 187 16.60 7.50 33.67
C LEU B 187 17.43 6.44 34.41
N GLU B 188 18.76 6.48 34.27
CA GLU B 188 19.69 5.73 35.16
C GLU B 188 19.62 6.35 36.55
N GLU B 189 19.74 5.52 37.59
CA GLU B 189 19.68 5.93 39.03
C GLU B 189 20.51 7.21 39.24
N GLY B 190 19.89 8.26 39.78
CA GLY B 190 20.57 9.49 40.23
C GLY B 190 20.82 10.51 39.12
N ALA B 191 20.22 10.30 37.94
CA ALA B 191 20.19 11.29 36.84
C ALA B 191 18.79 11.93 36.80
N THR B 192 18.72 13.23 36.49
CA THR B 192 17.44 13.99 36.42
C THR B 192 17.02 14.15 34.95
N LEU B 193 15.73 14.43 34.71
CA LEU B 193 15.18 14.70 33.36
C LEU B 193 15.87 15.94 32.76
N ASP B 194 16.07 17.00 33.55
CA ASP B 194 16.65 18.29 33.11
C ASP B 194 18.07 18.07 32.57
N GLU B 195 18.86 17.21 33.22
CA GLU B 195 20.26 16.90 32.85
C GLU B 195 20.28 16.17 31.51
N VAL B 196 19.54 15.07 31.43
CA VAL B 196 19.39 14.21 30.22
C VAL B 196 18.88 15.06 29.05
N THR B 197 17.90 15.92 29.29
CA THR B 197 17.28 16.81 28.27
C THR B 197 18.36 17.71 27.65
N LYS B 198 19.13 18.41 28.49
CA LYS B 198 20.20 19.37 28.05
C LYS B 198 21.25 18.61 27.23
N GLU B 199 21.53 17.36 27.61
CA GLU B 199 22.55 16.49 26.96
C GLU B 199 22.05 16.06 25.58
N ILE B 200 20.79 15.63 25.47
CA ILE B 200 20.13 15.22 24.20
C ILE B 200 20.05 16.42 23.24
N LYS B 201 19.52 17.56 23.69
CA LYS B 201 19.26 18.75 22.83
C LYS B 201 20.56 19.40 22.38
N ALA B 202 21.68 19.12 23.06
CA ALA B 202 23.01 19.67 22.73
C ALA B 202 23.55 19.03 21.45
N ASP B 203 23.17 17.77 21.19
CA ASP B 203 23.67 16.98 20.03
C ASP B 203 23.06 17.54 18.74
N PRO B 204 23.88 17.71 17.66
CA PRO B 204 23.37 18.12 16.36
C PRO B 204 22.12 17.41 15.83
N TYR B 205 21.96 16.11 16.15
CA TYR B 205 20.78 15.27 15.79
C TYR B 205 19.48 15.87 16.35
N PHE B 206 19.55 16.71 17.39
CA PHE B 206 18.36 17.28 18.07
C PHE B 206 18.37 18.81 18.13
N ALA B 207 19.52 19.48 18.06
CA ALA B 207 19.70 20.89 18.44
C ALA B 207 18.93 21.83 17.49
N HIS B 208 18.67 21.39 16.26
CA HIS B 208 18.07 22.22 15.18
C HIS B 208 16.60 21.83 14.95
N ASP B 209 16.07 20.88 15.72
CA ASP B 209 14.67 20.40 15.62
C ASP B 209 13.95 20.64 16.95
N GLU B 210 12.67 21.01 16.90
CA GLU B 210 11.77 21.07 18.07
C GLU B 210 11.81 19.69 18.73
N THR B 211 12.32 19.62 19.97
CA THR B 211 12.56 18.36 20.72
C THR B 211 11.87 18.44 22.08
N HIS B 212 11.15 17.39 22.44
CA HIS B 212 10.50 17.19 23.75
C HIS B 212 11.04 15.88 24.34
N VAL B 213 11.57 15.93 25.56
CA VAL B 213 12.12 14.74 26.28
C VAL B 213 11.24 14.46 27.50
N MET B 214 10.65 13.27 27.54
CA MET B 214 9.75 12.79 28.62
C MET B 214 10.38 11.56 29.29
N ALA B 215 10.22 11.43 30.62
CA ALA B 215 10.70 10.28 31.41
C ALA B 215 9.59 9.24 31.44
N VAL B 216 9.92 7.95 31.32
CA VAL B 216 8.94 6.83 31.33
C VAL B 216 9.52 5.65 32.12
N ASP B 217 8.64 4.82 32.69
CA ASP B 217 9.01 3.62 33.48
C ASP B 217 9.60 2.57 32.54
N SER B 218 9.00 2.38 31.35
CA SER B 218 9.45 1.41 30.32
C SER B 218 9.43 2.05 28.92
N VAL B 219 10.55 2.00 28.22
CA VAL B 219 10.69 2.39 26.79
C VAL B 219 10.01 1.32 25.93
N ASP B 220 10.16 0.04 26.27
CA ASP B 220 9.57 -1.10 25.52
C ASP B 220 8.04 -0.96 25.51
N ALA B 221 7.44 -0.38 26.56
CA ALA B 221 5.98 -0.22 26.70
C ALA B 221 5.45 0.89 25.78
N VAL B 222 6.33 1.69 25.16
CA VAL B 222 5.93 2.80 24.24
C VAL B 222 6.44 2.56 22.80
N LYS B 223 7.17 1.46 22.56
CA LYS B 223 7.71 1.08 21.21
C LYS B 223 6.56 0.63 20.29
N ASP B 224 6.63 1.05 19.02
CA ASP B 224 5.79 0.52 17.92
C ASP B 224 6.56 0.69 16.61
N MET B 225 6.60 -0.37 15.80
CA MET B 225 7.39 -0.44 14.55
C MET B 225 6.66 0.29 13.42
N GLY B 226 5.38 0.64 13.61
CA GLY B 226 4.62 1.52 12.71
C GLY B 226 5.40 2.78 12.36
N HIS B 227 5.33 3.20 11.10
CA HIS B 227 6.03 4.39 10.56
C HIS B 227 5.25 4.88 9.34
N GLY B 228 5.73 5.93 8.67
CA GLY B 228 5.00 6.56 7.57
C GLY B 228 5.87 7.54 6.82
N VAL B 229 5.41 7.97 5.66
CA VAL B 229 6.01 9.11 4.92
C VAL B 229 4.88 9.87 4.22
N HIS B 230 5.07 11.17 4.07
CA HIS B 230 4.29 12.04 3.14
CA HIS B 230 4.29 12.05 3.15
C HIS B 230 5.30 12.76 2.24
N LEU B 231 5.39 12.30 0.98
CA LEU B 231 6.19 12.97 -0.09
C LEU B 231 5.26 13.92 -0.83
N VAL B 232 5.64 15.19 -0.92
CA VAL B 232 4.83 16.29 -1.52
C VAL B 232 5.68 16.90 -2.62
N ARG B 233 5.08 17.16 -3.80
CA ARG B 233 5.71 18.04 -4.82
C ARG B 233 4.67 19.02 -5.37
N LYS B 234 5.02 20.30 -5.38
CA LYS B 234 4.28 21.38 -6.07
C LYS B 234 5.24 22.05 -7.05
N GLY B 235 4.92 22.07 -8.34
CA GLY B 235 5.79 22.69 -9.36
C GLY B 235 5.17 22.77 -10.73
N VAL B 236 6.03 22.95 -11.74
CA VAL B 236 5.67 23.32 -13.14
C VAL B 236 5.89 22.12 -14.07
N SER B 237 4.86 21.72 -14.83
CA SER B 237 4.99 20.89 -16.06
C SER B 237 5.04 21.83 -17.27
N GLY B 238 6.11 21.77 -18.06
CA GLY B 238 6.38 22.73 -19.14
C GLY B 238 6.46 24.15 -18.57
N LYS B 239 5.47 24.99 -18.86
CA LYS B 239 5.29 26.30 -18.16
C LYS B 239 3.93 26.35 -17.45
N THR B 240 3.24 25.21 -17.31
CA THR B 240 1.94 25.10 -16.59
C THR B 240 2.20 24.99 -15.09
N GLN B 241 1.83 26.03 -14.33
CA GLN B 241 2.15 26.19 -12.89
C GLN B 241 1.14 25.37 -12.05
N ASN B 242 1.50 25.12 -10.79
CA ASN B 242 0.62 24.62 -9.72
C ASN B 242 0.25 23.14 -9.94
N GLN B 243 1.15 22.35 -10.52
CA GLN B 243 1.01 20.88 -10.60
C GLN B 243 1.33 20.30 -9.22
N ARG B 244 0.35 19.61 -8.62
CA ARG B 244 0.44 19.08 -7.24
C ARG B 244 0.34 17.55 -7.26
N MET B 245 1.15 16.91 -6.43
CA MET B 245 1.17 15.43 -6.27
C MET B 245 1.66 15.10 -4.86
N GLU B 246 1.17 13.99 -4.31
CA GLU B 246 1.51 13.52 -2.96
C GLU B 246 1.61 11.99 -2.99
N PHE B 247 2.49 11.44 -2.15
CA PHE B 247 2.60 9.98 -1.89
C PHE B 247 2.69 9.79 -0.38
N SER B 248 1.93 8.85 0.18
CA SER B 248 1.87 8.62 1.64
C SER B 248 1.88 7.12 1.92
N MET B 249 2.44 6.75 3.07
CA MET B 249 2.42 5.34 3.57
C MET B 249 2.11 5.38 5.06
N SER B 250 1.27 4.44 5.50
CA SER B 250 1.14 3.96 6.89
C SER B 250 1.55 2.50 6.90
N ILE B 251 2.77 2.20 7.33
CA ILE B 251 3.40 0.86 7.13
C ILE B 251 4.14 0.42 8.41
N ASN B 252 4.35 -0.88 8.52
CA ASN B 252 5.35 -1.50 9.43
C ASN B 252 6.74 -1.26 8.82
N ASN B 253 7.62 -0.56 9.53
CA ASN B 253 8.94 -0.07 9.05
C ASN B 253 9.81 -1.25 8.61
N PRO B 254 10.29 -2.12 9.53
CA PRO B 254 11.17 -3.23 9.13
C PRO B 254 10.53 -4.23 8.16
N ALA B 255 9.22 -4.51 8.32
CA ALA B 255 8.46 -5.44 7.45
C ALA B 255 8.55 -4.97 5.99
N LEU B 256 8.42 -3.67 5.75
CA LEU B 256 8.45 -3.08 4.39
C LEU B 256 9.87 -3.16 3.84
N THR B 257 10.86 -2.74 4.62
CA THR B 257 12.30 -2.76 4.22
C THR B 257 12.67 -4.16 3.72
N ALA B 258 12.25 -5.19 4.47
CA ALA B 258 12.51 -6.62 4.17
C ALA B 258 11.93 -6.97 2.80
N GLN B 259 10.69 -6.56 2.54
CA GLN B 259 9.94 -6.84 1.29
C GLN B 259 10.65 -6.16 0.11
N VAL B 260 11.12 -4.92 0.29
CA VAL B 260 11.86 -4.20 -0.78
C VAL B 260 13.19 -4.92 -1.04
N LEU B 261 13.87 -5.38 0.02
CA LEU B 261 15.15 -6.14 -0.09
C LEU B 261 14.93 -7.40 -0.93
N VAL B 262 13.85 -8.15 -0.66
CA VAL B 262 13.48 -9.35 -1.47
C VAL B 262 13.23 -8.90 -2.92
N ASN B 263 12.57 -7.75 -3.13
CA ASN B 263 12.21 -7.24 -4.48
C ASN B 263 13.48 -6.93 -5.27
N VAL B 264 14.47 -6.28 -4.66
CA VAL B 264 15.74 -5.91 -5.36
C VAL B 264 16.64 -7.16 -5.50
N ALA B 265 16.53 -8.13 -4.58
CA ALA B 265 17.19 -9.45 -4.72
C ALA B 265 16.72 -10.09 -6.03
N ARG B 266 15.40 -10.06 -6.26
CA ARG B 266 14.74 -10.53 -7.51
C ARG B 266 15.25 -9.72 -8.71
N ALA B 267 15.25 -8.39 -8.60
CA ALA B 267 15.62 -7.46 -9.68
C ALA B 267 17.08 -7.71 -10.11
N SER B 268 17.97 -8.02 -9.16
CA SER B 268 19.44 -8.13 -9.37
C SER B 268 19.77 -9.22 -10.40
N MET B 269 18.90 -10.23 -10.53
CA MET B 269 19.05 -11.35 -11.50
C MET B 269 18.89 -10.88 -12.95
N HIS B 270 18.34 -9.69 -13.20
CA HIS B 270 17.94 -9.19 -14.55
C HIS B 270 18.72 -7.95 -14.96
N GLN B 271 19.81 -7.61 -14.27
CA GLN B 271 20.64 -6.42 -14.62
C GLN B 271 21.99 -6.87 -15.18
N GLN B 272 22.61 -6.03 -16.01
CA GLN B 272 24.04 -6.14 -16.39
C GLN B 272 24.88 -5.96 -15.13
N PRO B 273 26.08 -6.59 -15.04
CA PRO B 273 26.93 -6.43 -13.86
C PRO B 273 27.19 -4.95 -13.54
N GLY B 274 27.27 -4.61 -12.26
CA GLY B 274 27.50 -3.23 -11.76
C GLY B 274 26.73 -2.96 -10.48
N CYS B 275 26.89 -1.75 -9.93
CA CYS B 275 26.20 -1.28 -8.71
C CYS B 275 25.08 -0.31 -9.09
N TYR B 276 23.87 -0.53 -8.54
CA TYR B 276 22.64 0.27 -8.83
C TYR B 276 21.99 0.76 -7.54
N THR B 277 21.51 2.01 -7.53
CA THR B 277 20.42 2.49 -6.65
C THR B 277 19.08 2.12 -7.30
N MET B 278 17.97 2.22 -6.57
CA MET B 278 16.64 1.72 -7.02
C MET B 278 16.09 2.63 -8.13
N VAL B 279 16.54 3.88 -8.21
CA VAL B 279 16.11 4.83 -9.29
C VAL B 279 16.74 4.42 -10.63
N GLU B 280 17.64 3.43 -10.63
CA GLU B 280 18.33 2.90 -11.83
C GLU B 280 17.76 1.53 -12.21
N ILE B 281 16.70 1.09 -11.54
CA ILE B 281 16.09 -0.28 -11.69
C ILE B 281 14.66 -0.12 -12.24
N PRO B 282 14.33 -0.76 -13.39
CA PRO B 282 12.96 -0.75 -13.88
C PRO B 282 12.03 -1.38 -12.83
N VAL B 283 10.93 -0.71 -12.48
CA VAL B 283 10.04 -1.12 -11.35
C VAL B 283 9.44 -2.50 -11.63
N ILE B 284 9.31 -2.90 -12.90
CA ILE B 284 8.72 -4.22 -13.29
C ILE B 284 9.63 -5.37 -12.82
N ASP B 285 10.93 -5.12 -12.69
CA ASP B 285 11.94 -6.13 -12.24
C ASP B 285 11.76 -6.40 -10.74
N LEU B 286 11.07 -5.51 -10.01
CA LEU B 286 10.80 -5.64 -8.54
C LEU B 286 9.73 -6.70 -8.30
N LEU B 287 8.90 -7.00 -9.31
CA LEU B 287 7.74 -7.93 -9.20
C LEU B 287 8.08 -9.27 -9.84
N ALA B 288 7.45 -10.35 -9.36
CA ALA B 288 7.50 -11.71 -9.95
C ALA B 288 6.51 -11.79 -11.12
N GLY B 289 6.80 -12.66 -12.10
CA GLY B 289 5.92 -12.97 -13.25
C GLY B 289 6.49 -12.49 -14.57
N GLU B 290 5.88 -12.89 -15.68
CA GLU B 290 6.30 -12.52 -17.06
C GLU B 290 5.96 -11.05 -17.32
N ARG B 291 6.82 -10.31 -18.02
CA ARG B 291 6.67 -8.86 -18.31
C ARG B 291 5.27 -8.59 -18.89
N GLU B 292 4.81 -9.42 -19.82
CA GLU B 292 3.53 -9.22 -20.56
C GLU B 292 2.35 -9.28 -19.59
N ASP B 293 2.31 -10.29 -18.71
CA ASP B 293 1.23 -10.49 -17.71
C ASP B 293 1.18 -9.27 -16.77
N LEU B 294 2.35 -8.74 -16.40
CA LEU B 294 2.49 -7.59 -15.46
C LEU B 294 2.09 -6.30 -16.16
N ILE B 295 2.42 -6.14 -17.45
CA ILE B 295 2.04 -4.94 -18.26
C ILE B 295 0.52 -4.90 -18.45
N LYS B 296 -0.10 -6.04 -18.73
CA LYS B 296 -1.58 -6.16 -18.87
C LYS B 296 -2.24 -5.68 -17.57
N ALA B 297 -1.70 -6.12 -16.44
CA ALA B 297 -2.27 -5.92 -15.08
C ALA B 297 -2.09 -4.48 -14.60
N LEU B 298 -0.95 -3.83 -14.89
CA LEU B 298 -0.49 -2.61 -14.18
C LEU B 298 -0.38 -1.38 -15.09
N VAL B 299 -0.04 -1.54 -16.36
CA VAL B 299 0.15 -0.39 -17.31
C VAL B 299 -1.21 -0.05 -17.93
N LYS C 2 -0.85 -14.51 41.74
CA LYS C 2 -0.46 -13.26 41.01
C LYS C 2 -0.99 -13.33 39.57
N LYS C 3 -0.32 -14.09 38.71
CA LYS C 3 -0.59 -14.14 37.25
C LYS C 3 -1.93 -14.83 37.02
N ILE C 4 -2.70 -14.34 36.03
CA ILE C 4 -4.00 -14.93 35.60
C ILE C 4 -3.72 -16.16 34.74
N ARG C 5 -4.35 -17.29 35.09
CA ARG C 5 -4.12 -18.61 34.45
C ARG C 5 -5.19 -18.83 33.38
N ALA C 6 -4.80 -18.70 32.11
CA ALA C 6 -5.73 -18.70 30.96
C ALA C 6 -5.54 -19.99 30.14
N ALA C 7 -6.64 -20.56 29.68
CA ALA C 7 -6.69 -21.59 28.64
C ALA C 7 -7.27 -20.97 27.36
N ILE C 8 -6.69 -21.31 26.20
CA ILE C 8 -7.22 -20.95 24.85
C ILE C 8 -7.93 -22.19 24.28
N VAL C 9 -9.22 -22.06 23.96
CA VAL C 9 -10.05 -23.14 23.33
C VAL C 9 -10.20 -22.82 21.83
N GLY C 10 -9.56 -23.62 20.98
CA GLY C 10 -9.55 -23.43 19.52
C GLY C 10 -8.23 -22.87 19.04
N TYR C 11 -7.80 -23.22 17.84
CA TYR C 11 -6.53 -22.74 17.23
C TYR C 11 -6.73 -22.45 15.73
N GLY C 12 -7.86 -21.83 15.41
CA GLY C 12 -8.04 -21.06 14.16
C GLY C 12 -7.12 -19.86 14.16
N ASN C 13 -7.37 -18.87 13.30
CA ASN C 13 -6.54 -17.64 13.21
C ASN C 13 -6.63 -16.90 14.55
N ILE C 14 -7.84 -16.71 15.07
CA ILE C 14 -8.08 -16.05 16.39
C ILE C 14 -7.19 -16.71 17.45
N GLY C 15 -7.20 -18.04 17.52
CA GLY C 15 -6.40 -18.83 18.47
C GLY C 15 -4.92 -18.49 18.40
N LYS C 16 -4.35 -18.43 17.19
CA LYS C 16 -2.90 -18.16 16.97
C LYS C 16 -2.58 -16.76 17.51
N PHE C 17 -3.42 -15.76 17.20
CA PHE C 17 -3.23 -14.34 17.60
C PHE C 17 -3.47 -14.20 19.11
N THR C 18 -4.34 -15.03 19.68
CA THR C 18 -4.65 -15.06 21.14
C THR C 18 -3.44 -15.58 21.93
N VAL C 19 -2.71 -16.58 21.40
CA VAL C 19 -1.44 -17.06 22.01
C VAL C 19 -0.49 -15.87 22.12
N GLU C 20 -0.31 -15.14 21.01
CA GLU C 20 0.63 -13.98 20.90
C GLU C 20 0.20 -12.90 21.91
N ALA C 21 -1.10 -12.66 22.07
CA ALA C 21 -1.65 -11.63 22.99
C ALA C 21 -1.41 -12.03 24.45
N VAL C 22 -1.56 -13.33 24.77
CA VAL C 22 -1.36 -13.90 26.13
C VAL C 22 0.14 -13.87 26.45
N GLU C 23 0.99 -14.23 25.48
CA GLU C 23 2.47 -14.24 25.62
C GLU C 23 2.97 -12.84 25.96
N ALA C 24 2.35 -11.80 25.38
CA ALA C 24 2.82 -10.39 25.44
C ALA C 24 2.35 -9.74 26.74
N ALA C 25 1.34 -10.31 27.40
CA ALA C 25 0.75 -9.82 28.66
C ALA C 25 1.49 -10.45 29.85
N GLU C 26 2.36 -9.68 30.52
CA GLU C 26 3.23 -10.11 31.64
C GLU C 26 2.39 -10.58 32.84
N ASP C 27 1.12 -10.15 32.95
CA ASP C 27 0.20 -10.52 34.07
C ASP C 27 -0.59 -11.79 33.74
N PHE C 28 -0.20 -12.55 32.70
CA PHE C 28 -0.90 -13.76 32.25
C PHE C 28 0.07 -14.95 32.22
N GLU C 29 -0.49 -16.14 32.47
CA GLU C 29 0.16 -17.46 32.32
C GLU C 29 -0.71 -18.31 31.40
N LEU C 30 -0.16 -18.74 30.26
CA LEU C 30 -0.84 -19.64 29.30
C LEU C 30 -0.70 -21.07 29.84
N VAL C 31 -1.77 -21.59 30.46
CA VAL C 31 -1.79 -22.94 31.11
C VAL C 31 -1.71 -23.99 29.99
N GLY C 32 -2.60 -23.86 29.00
CA GLY C 32 -2.58 -24.71 27.80
C GLY C 32 -3.59 -24.29 26.76
N ILE C 33 -3.55 -24.95 25.60
CA ILE C 33 -4.52 -24.80 24.47
C ILE C 33 -5.38 -26.06 24.43
N VAL C 34 -6.70 -25.89 24.26
CA VAL C 34 -7.67 -27.01 24.10
C VAL C 34 -8.02 -27.13 22.60
N ARG C 35 -7.57 -28.22 21.97
CA ARG C 35 -7.96 -28.61 20.59
C ARG C 35 -8.73 -29.92 20.64
N ARG C 36 -9.71 -30.09 19.75
CA ARG C 36 -10.45 -31.37 19.55
C ARG C 36 -9.42 -32.50 19.41
N GLN C 37 -8.35 -32.26 18.64
CA GLN C 37 -7.29 -33.25 18.28
C GLN C 37 -6.17 -33.29 19.34
N GLY C 38 -6.25 -32.50 20.41
CA GLY C 38 -5.22 -32.44 21.44
C GLY C 38 -3.83 -32.14 20.89
N ALA C 39 -2.82 -32.83 21.43
CA ALA C 39 -1.38 -32.59 21.18
C ALA C 39 -0.96 -33.22 19.85
N GLU C 40 -1.87 -33.92 19.16
CA GLU C 40 -1.57 -34.96 18.15
C GLU C 40 -0.60 -34.44 17.08
N ASN C 41 -0.99 -33.42 16.31
CA ASN C 41 -0.14 -32.86 15.23
C ASN C 41 0.31 -31.45 15.65
N LYS C 42 0.90 -31.34 16.84
CA LYS C 42 1.17 -30.05 17.53
C LYS C 42 1.96 -29.14 16.59
N PRO C 43 1.44 -27.94 16.25
CA PRO C 43 2.21 -26.96 15.51
C PRO C 43 3.51 -26.59 16.25
N ALA C 44 4.56 -26.24 15.51
CA ALA C 44 5.91 -25.93 16.04
C ALA C 44 5.83 -24.80 17.07
N GLU C 45 4.97 -23.80 16.84
CA GLU C 45 4.89 -22.57 17.69
C GLU C 45 4.16 -22.85 19.00
N LEU C 46 3.55 -24.03 19.17
CA LEU C 46 2.88 -24.45 20.43
C LEU C 46 3.78 -25.42 21.20
N ALA C 47 5.03 -25.63 20.76
CA ALA C 47 6.02 -26.51 21.40
C ALA C 47 6.06 -26.25 22.92
N PRO C 48 6.22 -24.99 23.39
CA PRO C 48 6.40 -24.74 24.81
C PRO C 48 5.15 -24.88 25.70
N TYR C 49 3.98 -25.20 25.12
CA TYR C 49 2.68 -25.20 25.83
C TYR C 49 2.05 -26.59 25.79
N LYS C 50 1.40 -26.98 26.89
CA LYS C 50 0.55 -28.20 26.97
C LYS C 50 -0.64 -28.00 26.05
N VAL C 51 -0.93 -28.98 25.19
CA VAL C 51 -2.14 -29.04 24.31
C VAL C 51 -2.95 -30.29 24.67
N VAL C 52 -4.25 -30.15 24.92
CA VAL C 52 -5.15 -31.23 25.43
C VAL C 52 -6.47 -31.20 24.65
N GLN C 53 -7.31 -32.24 24.84
CA GLN C 53 -8.60 -32.43 24.12
C GLN C 53 -9.76 -31.82 24.92
N ASP C 54 -9.61 -31.75 26.24
CA ASP C 54 -10.65 -31.27 27.18
C ASP C 54 -9.96 -30.44 28.26
N ILE C 55 -10.62 -29.37 28.70
CA ILE C 55 -10.05 -28.35 29.63
C ILE C 55 -9.84 -28.97 31.02
N LYS C 56 -10.56 -30.05 31.36
CA LYS C 56 -10.40 -30.81 32.63
C LYS C 56 -8.95 -31.31 32.77
N GLU C 57 -8.26 -31.58 31.65
CA GLU C 57 -6.86 -32.09 31.62
C GLU C 57 -5.87 -30.99 32.02
N LEU C 58 -6.32 -29.72 32.09
CA LEU C 58 -5.47 -28.58 32.53
C LEU C 58 -5.73 -28.30 34.01
N GLU C 59 -4.79 -27.65 34.68
CA GLU C 59 -4.81 -27.46 36.15
C GLU C 59 -4.92 -25.97 36.49
N GLY C 60 -5.89 -25.61 37.33
CA GLY C 60 -6.05 -24.27 37.94
C GLY C 60 -6.33 -23.20 36.91
N VAL C 61 -7.29 -23.45 36.02
CA VAL C 61 -7.69 -22.50 34.94
C VAL C 61 -8.67 -21.49 35.55
N ASP C 62 -8.27 -20.22 35.58
CA ASP C 62 -9.12 -19.08 36.01
C ASP C 62 -10.15 -18.77 34.92
N VAL C 63 -9.70 -18.72 33.67
CA VAL C 63 -10.53 -18.23 32.53
C VAL C 63 -10.17 -19.01 31.25
N ALA C 64 -11.21 -19.41 30.51
CA ALA C 64 -11.13 -20.02 29.16
C ALA C 64 -11.45 -18.93 28.12
N ILE C 65 -10.49 -18.63 27.25
CA ILE C 65 -10.70 -17.77 26.04
C ILE C 65 -11.23 -18.68 24.91
N LEU C 66 -12.48 -18.47 24.50
CA LEU C 66 -13.14 -19.28 23.46
C LEU C 66 -12.81 -18.68 22.08
N ALA C 67 -11.72 -19.15 21.47
CA ALA C 67 -11.31 -18.85 20.08
C ALA C 67 -12.00 -19.85 19.14
N THR C 68 -13.32 -20.01 19.31
CA THR C 68 -14.17 -21.00 18.61
C THR C 68 -15.04 -20.26 17.60
N PRO C 69 -15.59 -20.94 16.57
CA PRO C 69 -16.64 -20.35 15.74
C PRO C 69 -17.81 -19.87 16.61
N SER C 70 -18.51 -18.83 16.16
CA SER C 70 -19.63 -18.17 16.89
C SER C 70 -20.72 -19.20 17.23
N ARG C 71 -21.04 -20.11 16.31
CA ARG C 71 -22.14 -21.10 16.47
C ARG C 71 -21.78 -22.12 17.57
N SER C 72 -20.50 -22.23 17.95
CA SER C 72 -19.97 -23.19 18.97
C SER C 72 -19.79 -22.54 20.35
N CYS C 73 -19.98 -21.21 20.49
CA CYS C 73 -19.62 -20.44 21.72
C CYS C 73 -20.46 -20.90 22.91
N LYS C 74 -21.80 -20.90 22.78
CA LYS C 74 -22.75 -21.22 23.88
C LYS C 74 -22.49 -22.66 24.38
N GLU C 75 -22.33 -23.60 23.44
CA GLU C 75 -22.05 -25.03 23.72
C GLU C 75 -20.82 -25.17 24.63
N TYR C 76 -19.70 -24.56 24.26
CA TYR C 76 -18.41 -24.65 25.00
C TYR C 76 -18.51 -23.91 26.34
N ALA C 77 -19.27 -22.81 26.39
CA ALA C 77 -19.47 -21.99 27.62
C ALA C 77 -20.26 -22.81 28.64
N GLU C 78 -21.41 -23.38 28.23
CA GLU C 78 -22.33 -24.18 29.08
C GLU C 78 -21.59 -25.40 29.64
N LYS C 79 -20.50 -25.83 29.00
CA LYS C 79 -19.71 -27.03 29.38
C LYS C 79 -18.54 -26.64 30.29
N ILE C 80 -18.01 -25.41 30.18
CA ILE C 80 -16.80 -24.96 30.95
C ILE C 80 -17.20 -24.23 32.24
N LEU C 81 -18.41 -23.65 32.30
CA LEU C 81 -18.89 -22.89 33.48
C LEU C 81 -19.09 -23.82 34.68
N PRO C 82 -19.74 -25.00 34.54
CA PRO C 82 -19.89 -25.94 35.66
C PRO C 82 -18.58 -26.31 36.37
N LEU C 83 -17.43 -26.17 35.69
CA LEU C 83 -16.08 -26.46 36.23
C LEU C 83 -15.59 -25.30 37.12
N GLY C 84 -16.40 -24.26 37.30
CA GLY C 84 -16.06 -23.05 38.09
C GLY C 84 -15.02 -22.19 37.38
N ILE C 85 -15.05 -22.19 36.04
CA ILE C 85 -14.07 -21.48 35.17
C ILE C 85 -14.80 -20.39 34.40
N ASN C 86 -14.19 -19.20 34.30
CA ASN C 86 -14.75 -18.02 33.57
C ASN C 86 -14.52 -18.24 32.07
N THR C 87 -15.45 -17.75 31.25
CA THR C 87 -15.39 -17.83 29.77
C THR C 87 -15.47 -16.42 29.17
N VAL C 88 -14.63 -16.14 28.16
CA VAL C 88 -14.73 -14.93 27.30
C VAL C 88 -14.77 -15.39 25.84
N ASP C 89 -15.55 -14.70 25.01
CA ASP C 89 -15.73 -15.05 23.58
C ASP C 89 -16.02 -13.77 22.78
N SER C 90 -15.82 -13.84 21.46
CA SER C 90 -16.07 -12.73 20.50
C SER C 90 -17.30 -13.05 19.63
N PHE C 91 -18.27 -13.80 20.18
CA PHE C 91 -19.56 -14.15 19.51
C PHE C 91 -20.10 -12.91 18.79
N ASP C 92 -20.26 -13.00 17.47
CA ASP C 92 -20.39 -11.81 16.57
C ASP C 92 -21.70 -11.82 15.79
N ILE C 93 -22.73 -12.53 16.26
CA ILE C 93 -24.10 -12.50 15.66
C ILE C 93 -24.96 -11.52 16.47
N HIS C 94 -25.03 -10.25 16.03
CA HIS C 94 -25.62 -9.10 16.77
C HIS C 94 -27.05 -9.43 17.22
N THR C 95 -27.80 -10.16 16.39
CA THR C 95 -29.25 -10.44 16.59
C THR C 95 -29.47 -11.44 17.74
N ASP C 96 -28.45 -12.25 18.10
CA ASP C 96 -28.57 -13.36 19.10
C ASP C 96 -27.98 -12.96 20.46
N ILE C 97 -27.40 -11.77 20.58
CA ILE C 97 -26.56 -11.37 21.77
C ILE C 97 -27.43 -11.34 23.03
N VAL C 98 -28.64 -10.78 22.97
CA VAL C 98 -29.54 -10.65 24.16
C VAL C 98 -29.89 -12.06 24.67
N ASP C 99 -30.26 -12.98 23.76
CA ASP C 99 -30.65 -14.38 24.09
C ASP C 99 -29.44 -15.15 24.63
N TYR C 100 -28.27 -15.00 23.99
CA TYR C 100 -27.00 -15.65 24.43
C TYR C 100 -26.70 -15.22 25.87
N ARG C 101 -26.94 -13.94 26.19
CA ARG C 101 -26.63 -13.34 27.52
C ARG C 101 -27.60 -13.89 28.58
N SER C 102 -28.91 -13.91 28.28
CA SER C 102 -29.98 -14.40 29.20
C SER C 102 -29.79 -15.89 29.48
N ALA C 103 -29.31 -16.67 28.50
CA ALA C 103 -29.04 -18.13 28.61
C ALA C 103 -27.92 -18.41 29.63
N LEU C 104 -26.79 -17.72 29.52
CA LEU C 104 -25.60 -17.95 30.38
C LEU C 104 -25.82 -17.38 31.78
N MET C 105 -26.61 -16.31 31.92
CA MET C 105 -26.75 -15.51 33.18
C MET C 105 -26.99 -16.45 34.36
N PRO C 106 -28.08 -17.26 34.39
CA PRO C 106 -28.38 -18.12 35.54
C PRO C 106 -27.30 -19.19 35.77
N LEU C 107 -26.74 -19.74 34.68
CA LEU C 107 -25.65 -20.76 34.71
C LEU C 107 -24.41 -20.15 35.39
N CYS C 108 -24.05 -18.92 35.00
CA CYS C 108 -22.88 -18.15 35.52
C CYS C 108 -23.03 -17.95 37.03
N LYS C 109 -24.22 -17.52 37.47
CA LYS C 109 -24.52 -17.20 38.90
C LYS C 109 -24.48 -18.48 39.73
N GLU C 110 -25.11 -19.56 39.25
CA GLU C 110 -25.19 -20.88 39.92
C GLU C 110 -23.78 -21.38 40.28
N HIS C 111 -22.79 -21.14 39.41
CA HIS C 111 -21.41 -21.70 39.50
C HIS C 111 -20.40 -20.64 39.97
N HIS C 112 -20.88 -19.49 40.48
CA HIS C 112 -20.05 -18.39 41.03
C HIS C 112 -18.89 -18.08 40.06
N ALA C 113 -19.23 -17.81 38.79
CA ALA C 113 -18.28 -17.60 37.67
C ALA C 113 -18.80 -16.49 36.74
N VAL C 114 -17.89 -15.93 35.92
CA VAL C 114 -18.16 -14.77 35.02
C VAL C 114 -17.99 -15.21 33.56
N SER C 115 -18.98 -14.90 32.72
CA SER C 115 -18.90 -14.97 31.23
C SER C 115 -18.98 -13.55 30.66
N ILE C 116 -17.97 -13.14 29.88
CA ILE C 116 -18.03 -11.91 29.03
C ILE C 116 -18.15 -12.36 27.57
N ILE C 117 -19.29 -12.09 26.95
CA ILE C 117 -19.66 -12.51 25.57
C ILE C 117 -19.42 -11.35 24.60
N SER C 118 -19.35 -11.67 23.30
CA SER C 118 -19.34 -10.70 22.18
C SER C 118 -18.25 -9.64 22.37
N ALA C 119 -17.06 -10.07 22.77
CA ALA C 119 -15.90 -9.21 23.11
C ALA C 119 -14.80 -9.33 22.05
N GLY C 120 -15.13 -8.99 20.79
CA GLY C 120 -14.14 -8.63 19.76
C GLY C 120 -14.01 -7.11 19.68
N TRP C 121 -13.80 -6.55 18.48
CA TRP C 121 -13.88 -5.08 18.29
C TRP C 121 -15.26 -4.67 17.77
N ASP C 122 -15.99 -5.55 17.07
CA ASP C 122 -17.42 -5.30 16.73
C ASP C 122 -18.13 -6.63 16.50
N PRO C 123 -18.95 -7.12 17.45
CA PRO C 123 -19.23 -6.42 18.71
C PRO C 123 -18.06 -6.47 19.71
N GLY C 124 -18.06 -5.55 20.69
CA GLY C 124 -17.04 -5.45 21.75
C GLY C 124 -16.51 -4.04 21.90
N SER C 125 -15.23 -3.82 21.58
CA SER C 125 -14.53 -2.51 21.65
C SER C 125 -15.44 -1.40 21.11
N ASP C 126 -15.87 -1.52 19.84
CA ASP C 126 -16.74 -0.52 19.17
C ASP C 126 -18.03 -0.32 19.97
N SER C 127 -18.58 -1.39 20.55
CA SER C 127 -19.83 -1.37 21.35
C SER C 127 -19.69 -0.36 22.49
N VAL C 128 -18.53 -0.34 23.16
CA VAL C 128 -18.22 0.56 24.30
C VAL C 128 -18.23 2.01 23.79
N VAL C 129 -17.44 2.31 22.76
CA VAL C 129 -17.30 3.67 22.16
C VAL C 129 -18.69 4.16 21.72
N ARG C 130 -19.44 3.31 21.02
CA ARG C 130 -20.79 3.60 20.48
C ARG C 130 -21.70 4.05 21.63
N THR C 131 -21.64 3.34 22.75
CA THR C 131 -22.47 3.57 23.97
C THR C 131 -22.07 4.90 24.61
N LEU C 132 -20.78 5.15 24.78
CA LEU C 132 -20.26 6.44 25.32
C LEU C 132 -20.76 7.58 24.43
N MET C 133 -20.56 7.48 23.11
CA MET C 133 -20.92 8.54 22.14
C MET C 133 -22.42 8.85 22.25
N GLN C 134 -23.27 7.82 22.33
CA GLN C 134 -24.74 7.99 22.53
C GLN C 134 -24.99 8.83 23.78
N SER C 135 -24.26 8.55 24.86
CA SER C 135 -24.43 9.23 26.17
C SER C 135 -24.06 10.72 26.04
N LEU C 136 -23.04 11.04 25.24
CA LEU C 136 -22.54 12.44 25.06
C LEU C 136 -23.64 13.30 24.44
N ALA C 137 -24.47 12.72 23.58
CA ALA C 137 -25.59 13.41 22.91
C ALA C 137 -26.75 12.43 22.67
N PRO C 138 -27.59 12.17 23.70
CA PRO C 138 -28.59 11.10 23.63
C PRO C 138 -29.72 11.28 22.61
N LYS C 139 -29.81 12.45 21.96
CA LYS C 139 -30.75 12.65 20.83
C LYS C 139 -29.91 12.87 19.56
N GLY C 140 -30.34 12.27 18.44
CA GLY C 140 -29.64 12.34 17.15
C GLY C 140 -29.38 10.96 16.56
N LEU C 141 -28.32 10.84 15.76
CA LEU C 141 -28.07 9.67 14.88
C LEU C 141 -26.63 9.17 15.05
N SER C 142 -26.47 7.85 15.19
CA SER C 142 -25.16 7.14 15.19
C SER C 142 -25.05 6.30 13.91
N TYR C 143 -23.84 6.11 13.39
CA TYR C 143 -23.56 5.28 12.19
C TYR C 143 -22.29 4.46 12.44
N THR C 144 -22.32 3.19 12.07
CA THR C 144 -21.15 2.27 12.10
C THR C 144 -20.75 1.96 10.65
N ASN C 145 -19.56 2.43 10.23
CA ASN C 145 -19.05 2.32 8.84
C ASN C 145 -17.80 1.42 8.85
N PHE C 146 -17.90 0.21 8.31
CA PHE C 146 -16.85 -0.84 8.38
C PHE C 146 -15.99 -0.82 7.13
N GLY C 147 -14.72 -1.18 7.31
CA GLY C 147 -13.77 -1.43 6.22
C GLY C 147 -13.02 -0.16 5.81
N PRO C 148 -12.23 -0.21 4.71
CA PRO C 148 -12.10 -1.42 3.89
C PRO C 148 -11.52 -2.63 4.65
N GLY C 149 -12.13 -3.81 4.48
CA GLY C 149 -11.62 -5.09 5.03
C GLY C 149 -12.43 -6.29 4.54
N MET C 150 -11.93 -7.51 4.80
CA MET C 150 -12.58 -8.78 4.39
C MET C 150 -13.76 -9.08 5.32
N SER C 151 -14.89 -9.48 4.75
CA SER C 151 -16.08 -9.98 5.49
C SER C 151 -16.08 -11.52 5.45
N MET C 152 -15.81 -12.17 6.58
CA MET C 152 -15.87 -13.65 6.72
C MET C 152 -17.25 -14.13 6.26
N GLY C 153 -18.32 -13.57 6.83
CA GLY C 153 -19.72 -13.91 6.50
C GLY C 153 -19.97 -13.86 5.00
N HIS C 154 -19.75 -12.70 4.38
CA HIS C 154 -20.04 -12.42 2.95
C HIS C 154 -19.10 -13.25 2.06
N SER C 155 -17.85 -13.47 2.49
CA SER C 155 -16.86 -14.31 1.77
C SER C 155 -17.37 -15.75 1.66
N VAL C 156 -17.76 -16.34 2.80
CA VAL C 156 -18.32 -17.72 2.89
C VAL C 156 -19.55 -17.82 1.98
N CYS C 157 -20.46 -16.82 2.05
CA CYS C 157 -21.71 -16.76 1.27
C CYS C 157 -21.40 -16.80 -0.24
N ALA C 158 -20.41 -16.03 -0.68
CA ALA C 158 -20.00 -15.93 -2.10
C ALA C 158 -19.37 -17.25 -2.55
N ARG C 159 -18.54 -17.86 -1.70
CA ARG C 159 -17.84 -19.16 -1.95
C ARG C 159 -18.85 -20.28 -2.23
N SER C 160 -20.03 -20.21 -1.61
CA SER C 160 -21.06 -21.29 -1.59
C SER C 160 -21.87 -21.31 -2.90
N LYS C 161 -21.71 -20.32 -3.77
CA LYS C 161 -22.56 -20.14 -4.99
C LYS C 161 -21.99 -20.93 -6.16
N LYS C 162 -22.88 -21.47 -7.02
CA LYS C 162 -22.52 -22.24 -8.23
C LYS C 162 -21.59 -21.40 -9.11
N GLY C 163 -20.46 -21.99 -9.55
CA GLY C 163 -19.48 -21.37 -10.46
C GLY C 163 -18.28 -20.79 -9.71
N VAL C 164 -18.37 -20.68 -8.38
CA VAL C 164 -17.34 -20.02 -7.52
C VAL C 164 -16.43 -21.09 -6.92
N LYS C 165 -15.18 -21.16 -7.40
CA LYS C 165 -14.12 -22.06 -6.86
C LYS C 165 -13.59 -21.47 -5.55
N ASN C 166 -13.34 -20.16 -5.52
CA ASN C 166 -12.92 -19.39 -4.32
C ASN C 166 -13.47 -17.95 -4.43
N ALA C 167 -13.69 -17.30 -3.29
CA ALA C 167 -14.24 -15.93 -3.21
C ALA C 167 -13.69 -15.19 -1.99
N LEU C 168 -13.44 -13.89 -2.16
CA LEU C 168 -13.21 -12.90 -1.08
C LEU C 168 -14.19 -11.75 -1.29
N SER C 169 -15.02 -11.44 -0.29
CA SER C 169 -15.92 -10.26 -0.27
C SER C 169 -15.31 -9.18 0.62
N MET C 170 -14.97 -8.02 0.03
CA MET C 170 -14.54 -6.81 0.76
C MET C 170 -15.78 -6.00 1.16
N THR C 171 -15.81 -5.48 2.39
CA THR C 171 -16.79 -4.48 2.87
C THR C 171 -16.14 -3.10 2.77
N ILE C 172 -16.80 -2.18 2.07
CA ILE C 172 -16.34 -0.78 1.81
C ILE C 172 -17.36 0.16 2.44
N PRO C 173 -16.91 1.15 3.26
CA PRO C 173 -17.83 2.12 3.85
C PRO C 173 -18.18 3.25 2.87
N LEU C 174 -19.47 3.52 2.66
CA LEU C 174 -19.97 4.67 1.87
C LEU C 174 -20.60 5.71 2.80
N GLY C 175 -20.39 5.57 4.12
CA GLY C 175 -20.91 6.52 5.13
C GLY C 175 -22.35 6.23 5.52
N GLU C 176 -22.78 6.71 6.68
CA GLU C 176 -24.16 6.63 7.21
C GLU C 176 -24.62 5.15 7.24
N GLY C 177 -23.71 4.23 7.57
CA GLY C 177 -24.02 2.79 7.73
C GLY C 177 -24.23 2.06 6.41
N ILE C 178 -24.06 2.74 5.27
CA ILE C 178 -24.23 2.19 3.90
C ILE C 178 -22.90 1.61 3.45
N HIS C 179 -22.93 0.40 2.89
CA HIS C 179 -21.72 -0.37 2.49
C HIS C 179 -21.77 -0.75 1.01
N ARG C 180 -20.60 -0.76 0.38
CA ARG C 180 -20.32 -1.33 -0.96
C ARG C 180 -19.61 -2.67 -0.74
N ARG C 181 -19.96 -3.69 -1.52
CA ARG C 181 -19.34 -5.04 -1.46
C ARG C 181 -18.57 -5.29 -2.75
N MET C 182 -17.26 -5.49 -2.63
CA MET C 182 -16.34 -5.82 -3.75
C MET C 182 -15.97 -7.30 -3.62
N VAL C 183 -16.60 -8.17 -4.42
CA VAL C 183 -16.36 -9.65 -4.38
C VAL C 183 -15.36 -10.00 -5.50
N TYR C 184 -14.28 -10.70 -5.14
CA TYR C 184 -13.25 -11.20 -6.08
C TYR C 184 -13.39 -12.73 -6.12
N VAL C 185 -13.64 -13.29 -7.31
CA VAL C 185 -13.91 -14.75 -7.47
C VAL C 185 -12.87 -15.37 -8.41
N GLU C 186 -12.41 -16.57 -8.05
CA GLU C 186 -11.88 -17.59 -9.00
C GLU C 186 -13.09 -18.34 -9.56
N LEU C 187 -13.25 -18.35 -10.89
CA LEU C 187 -14.34 -19.08 -11.58
C LEU C 187 -13.95 -20.57 -11.67
N GLU C 188 -14.89 -21.46 -11.36
CA GLU C 188 -14.78 -22.92 -11.69
C GLU C 188 -14.86 -23.05 -13.22
N GLU C 189 -14.09 -23.95 -13.82
CA GLU C 189 -13.85 -23.99 -15.29
C GLU C 189 -15.22 -24.07 -15.99
N GLY C 190 -15.50 -23.17 -16.93
CA GLY C 190 -16.71 -23.20 -17.79
C GLY C 190 -17.93 -22.56 -17.15
N ALA C 191 -17.76 -21.84 -16.04
CA ALA C 191 -18.74 -20.89 -15.46
C ALA C 191 -18.32 -19.47 -15.84
N THR C 192 -19.30 -18.59 -16.10
CA THR C 192 -19.04 -17.19 -16.57
C THR C 192 -19.21 -16.20 -15.41
N LEU C 193 -18.61 -15.01 -15.54
CA LEU C 193 -18.70 -13.92 -14.53
C LEU C 193 -20.16 -13.50 -14.37
N ASP C 194 -20.89 -13.33 -15.48
CA ASP C 194 -22.30 -12.86 -15.50
C ASP C 194 -23.20 -13.83 -14.71
N GLU C 195 -22.97 -15.14 -14.82
CA GLU C 195 -23.75 -16.19 -14.09
C GLU C 195 -23.50 -16.07 -12.58
N VAL C 196 -22.23 -16.11 -12.19
CA VAL C 196 -21.76 -16.00 -10.78
C VAL C 196 -22.29 -14.68 -10.17
N THR C 197 -22.21 -13.58 -10.93
CA THR C 197 -22.66 -12.23 -10.50
C THR C 197 -24.15 -12.26 -10.14
N LYS C 198 -25.00 -12.78 -11.03
CA LYS C 198 -26.47 -12.86 -10.87
C LYS C 198 -26.79 -13.71 -9.62
N GLU C 199 -26.00 -14.77 -9.39
CA GLU C 199 -26.18 -15.73 -8.27
C GLU C 199 -25.83 -15.02 -6.94
N ILE C 200 -24.71 -14.30 -6.89
CA ILE C 200 -24.24 -13.53 -5.70
C ILE C 200 -25.26 -12.43 -5.36
N LYS C 201 -25.64 -11.59 -6.33
CA LYS C 201 -26.49 -10.39 -6.11
C LYS C 201 -27.92 -10.80 -5.73
N ALA C 202 -28.32 -12.03 -6.03
CA ALA C 202 -29.67 -12.57 -5.74
C ALA C 202 -29.82 -12.81 -4.24
N ASP C 203 -28.72 -13.15 -3.55
CA ASP C 203 -28.71 -13.50 -2.11
C ASP C 203 -28.98 -12.25 -1.29
N PRO C 204 -29.87 -12.32 -0.26
CA PRO C 204 -30.10 -11.22 0.67
C PRO C 204 -28.86 -10.51 1.23
N TYR C 205 -27.76 -11.24 1.46
CA TYR C 205 -26.45 -10.71 1.93
C TYR C 205 -25.91 -9.62 0.98
N PHE C 206 -26.33 -9.63 -0.28
CA PHE C 206 -25.81 -8.72 -1.33
C PHE C 206 -26.90 -7.88 -2.02
N ALA C 207 -28.16 -8.32 -2.02
CA ALA C 207 -29.23 -7.79 -2.90
C ALA C 207 -29.57 -6.34 -2.52
N HIS C 208 -29.29 -5.92 -1.28
CA HIS C 208 -29.70 -4.59 -0.74
C HIS C 208 -28.50 -3.62 -0.69
N ASP C 209 -27.32 -4.08 -1.10
CA ASP C 209 -26.06 -3.28 -1.08
C ASP C 209 -25.50 -3.19 -2.51
N GLU C 210 -24.94 -2.03 -2.87
CA GLU C 210 -24.14 -1.85 -4.10
C GLU C 210 -23.04 -2.92 -4.11
N THR C 211 -23.09 -3.84 -5.07
CA THR C 211 -22.19 -5.02 -5.17
C THR C 211 -21.52 -5.06 -6.55
N HIS C 212 -20.19 -5.26 -6.54
CA HIS C 212 -19.35 -5.45 -7.75
C HIS C 212 -18.64 -6.79 -7.63
N VAL C 213 -18.76 -7.64 -8.65
CA VAL C 213 -18.10 -8.98 -8.72
C VAL C 213 -17.07 -8.93 -9.84
N MET C 214 -15.81 -9.19 -9.51
CA MET C 214 -14.64 -9.22 -10.43
C MET C 214 -14.05 -10.64 -10.42
N ALA C 215 -13.60 -11.12 -11.58
CA ALA C 215 -12.89 -12.41 -11.73
C ALA C 215 -11.39 -12.17 -11.51
N VAL C 216 -10.71 -13.08 -10.81
CA VAL C 216 -9.24 -12.97 -10.53
C VAL C 216 -8.60 -14.36 -10.66
N ASP C 217 -7.29 -14.38 -10.92
CA ASP C 217 -6.46 -15.62 -11.02
C ASP C 217 -6.35 -16.27 -9.64
N SER C 218 -6.11 -15.47 -8.59
CA SER C 218 -5.92 -15.93 -7.20
C SER C 218 -6.64 -15.01 -6.21
N VAL C 219 -7.50 -15.58 -5.38
CA VAL C 219 -8.17 -14.91 -4.24
C VAL C 219 -7.13 -14.65 -3.14
N ASP C 220 -6.23 -15.60 -2.90
CA ASP C 220 -5.18 -15.51 -1.84
C ASP C 220 -4.27 -14.31 -2.15
N ALA C 221 -4.06 -13.98 -3.43
CA ALA C 221 -3.16 -12.89 -3.87
C ALA C 221 -3.79 -11.51 -3.59
N VAL C 222 -5.08 -11.45 -3.23
CA VAL C 222 -5.80 -10.17 -2.93
C VAL C 222 -6.26 -10.10 -1.47
N LYS C 223 -5.99 -11.14 -0.66
CA LYS C 223 -6.34 -11.19 0.79
C LYS C 223 -5.43 -10.25 1.59
N ASP C 224 -6.01 -9.55 2.58
CA ASP C 224 -5.29 -8.79 3.62
C ASP C 224 -6.18 -8.70 4.86
N MET C 225 -5.60 -8.96 6.04
CA MET C 225 -6.34 -9.04 7.34
CA MET C 225 -6.39 -9.05 7.30
C MET C 225 -6.62 -7.63 7.87
N GLY C 226 -6.00 -6.60 7.28
CA GLY C 226 -6.31 -5.19 7.54
C GLY C 226 -7.81 -4.92 7.45
N HIS C 227 -8.32 -4.12 8.38
CA HIS C 227 -9.75 -3.75 8.48
C HIS C 227 -9.83 -2.38 9.18
N GLY C 228 -11.03 -1.89 9.44
CA GLY C 228 -11.20 -0.59 10.08
C GLY C 228 -12.64 -0.32 10.42
N VAL C 229 -12.87 0.77 11.14
CA VAL C 229 -14.25 1.28 11.41
C VAL C 229 -14.19 2.80 11.48
N HIS C 230 -15.28 3.45 11.09
CA HIS C 230 -15.57 4.88 11.35
CA HIS C 230 -15.58 4.89 11.32
C HIS C 230 -16.93 4.94 12.04
N LEU C 231 -16.94 5.18 13.36
CA LEU C 231 -18.16 5.42 14.17
C LEU C 231 -18.39 6.93 14.23
N VAL C 232 -19.57 7.38 13.84
CA VAL C 232 -19.95 8.82 13.76
C VAL C 232 -21.19 9.01 14.64
N ARG C 233 -21.24 10.10 15.42
CA ARG C 233 -22.49 10.56 16.05
C ARG C 233 -22.63 12.08 15.89
N LYS C 234 -23.80 12.52 15.43
CA LYS C 234 -24.24 13.93 15.42
C LYS C 234 -25.56 14.02 16.20
N GLY C 235 -25.61 14.82 17.26
CA GLY C 235 -26.83 14.95 18.06
C GLY C 235 -26.77 16.06 19.09
N VAL C 236 -27.66 15.98 20.08
CA VAL C 236 -27.98 17.05 21.06
C VAL C 236 -27.46 16.65 22.45
N SER C 237 -26.66 17.51 23.08
CA SER C 237 -26.39 17.50 24.55
C SER C 237 -27.37 18.49 25.21
N GLY C 238 -28.20 18.02 26.15
CA GLY C 238 -29.30 18.80 26.72
C GLY C 238 -30.25 19.24 25.63
N LYS C 239 -30.29 20.54 25.31
CA LYS C 239 -30.98 21.06 24.08
C LYS C 239 -29.97 21.77 23.16
N THR C 240 -28.67 21.61 23.41
CA THR C 240 -27.59 22.20 22.55
C THR C 240 -27.36 21.30 21.34
N GLN C 241 -27.71 21.79 20.14
CA GLN C 241 -27.71 21.05 18.87
C GLN C 241 -26.28 20.96 18.30
N ASN C 242 -26.08 20.03 17.36
CA ASN C 242 -24.91 19.93 16.46
C ASN C 242 -23.65 19.49 17.22
N GLN C 243 -23.80 18.66 18.24
CA GLN C 243 -22.65 18.00 18.94
C GLN C 243 -22.15 16.87 18.04
N ARG C 244 -20.90 16.94 17.60
CA ARG C 244 -20.29 15.99 16.63
C ARG C 244 -19.12 15.27 17.28
N MET C 245 -18.99 13.97 17.01
CA MET C 245 -17.89 13.11 17.52
C MET C 245 -17.71 11.93 16.56
N GLU C 246 -16.47 11.47 16.40
CA GLU C 246 -16.16 10.31 15.54
C GLU C 246 -15.04 9.49 16.18
N PHE C 247 -15.02 8.19 15.88
CA PHE C 247 -13.98 7.22 16.28
C PHE C 247 -13.60 6.39 15.05
N SER C 248 -12.31 6.17 14.83
CA SER C 248 -11.81 5.43 13.65
C SER C 248 -10.69 4.49 14.07
N MET C 249 -10.52 3.38 13.34
CA MET C 249 -9.37 2.46 13.49
C MET C 249 -8.92 2.04 12.10
N SER C 250 -7.60 1.94 11.91
CA SER C 250 -6.93 1.15 10.85
C SER C 250 -6.13 0.05 11.55
N ILE C 251 -6.65 -1.18 11.57
CA ILE C 251 -6.12 -2.26 12.44
C ILE C 251 -6.04 -3.59 11.68
N ASN C 252 -5.21 -4.50 12.19
CA ASN C 252 -5.25 -5.95 11.88
C ASN C 252 -6.46 -6.55 12.61
N ASN C 253 -7.40 -7.12 11.86
CA ASN C 253 -8.73 -7.60 12.36
C ASN C 253 -8.53 -8.68 13.44
N PRO C 254 -8.03 -9.89 13.11
CA PRO C 254 -7.91 -10.96 14.11
C PRO C 254 -6.95 -10.62 15.26
N ALA C 255 -5.84 -9.92 14.97
CA ALA C 255 -4.84 -9.49 15.97
C ALA C 255 -5.53 -8.67 17.08
N LEU C 256 -6.43 -7.75 16.70
CA LEU C 256 -7.15 -6.86 17.64
C LEU C 256 -8.15 -7.69 18.46
N THR C 257 -8.96 -8.51 17.80
CA THR C 257 -9.97 -9.39 18.46
C THR C 257 -9.31 -10.19 19.58
N ALA C 258 -8.13 -10.77 19.30
CA ALA C 258 -7.36 -11.60 20.24
C ALA C 258 -6.99 -10.77 21.48
N GLN C 259 -6.50 -9.54 21.25
CA GLN C 259 -6.08 -8.59 22.32
C GLN C 259 -7.28 -8.21 23.20
N VAL C 260 -8.44 -7.97 22.60
CA VAL C 260 -9.67 -7.63 23.36
C VAL C 260 -10.08 -8.86 24.19
N LEU C 261 -9.99 -10.06 23.62
CA LEU C 261 -10.30 -11.33 24.33
C LEU C 261 -9.42 -11.46 25.57
N VAL C 262 -8.12 -11.21 25.44
CA VAL C 262 -7.17 -11.22 26.59
C VAL C 262 -7.62 -10.15 27.61
N ASN C 263 -8.06 -8.98 27.14
CA ASN C 263 -8.47 -7.83 28.01
C ASN C 263 -9.70 -8.23 28.83
N VAL C 264 -10.70 -8.87 28.22
CA VAL C 264 -11.94 -9.28 28.94
C VAL C 264 -11.66 -10.51 29.81
N ALA C 265 -10.70 -11.36 29.43
CA ALA C 265 -10.22 -12.47 30.29
C ALA C 265 -9.72 -11.87 31.61
N ARG C 266 -8.91 -10.82 31.52
CA ARG C 266 -8.39 -10.03 32.67
C ARG C 266 -9.57 -9.43 33.46
N ALA C 267 -10.49 -8.77 32.76
CA ALA C 267 -11.65 -8.06 33.36
C ALA C 267 -12.54 -9.03 34.14
N SER C 268 -12.70 -10.26 33.66
CA SER C 268 -13.65 -11.28 34.21
C SER C 268 -13.30 -11.61 35.67
N MET C 269 -12.02 -11.46 36.06
CA MET C 269 -11.50 -11.72 37.42
C MET C 269 -12.03 -10.68 38.43
N HIS C 270 -12.58 -9.54 37.99
CA HIS C 270 -12.96 -8.40 38.86
C HIS C 270 -14.48 -8.15 38.85
N GLN C 271 -15.28 -9.08 38.34
CA GLN C 271 -16.76 -8.91 38.30
C GLN C 271 -17.43 -9.88 39.26
N GLN C 272 -18.62 -9.50 39.75
CA GLN C 272 -19.57 -10.42 40.44
C GLN C 272 -20.01 -11.48 39.45
N PRO C 273 -20.35 -12.71 39.90
CA PRO C 273 -20.79 -13.76 38.97
C PRO C 273 -21.95 -13.29 38.08
N GLY C 274 -21.96 -13.74 36.82
CA GLY C 274 -23.01 -13.39 35.83
C GLY C 274 -22.44 -13.30 34.42
N CYS C 275 -23.31 -13.03 33.44
CA CYS C 275 -22.94 -12.84 32.02
C CYS C 275 -22.96 -11.35 31.67
N TYR C 276 -21.90 -10.84 31.06
CA TYR C 276 -21.71 -9.41 30.70
C TYR C 276 -21.33 -9.25 29.22
N THR C 277 -21.93 -8.24 28.57
CA THR C 277 -21.37 -7.59 27.36
C THR C 277 -20.35 -6.54 27.82
N MET C 278 -19.53 -6.02 26.90
CA MET C 278 -18.38 -5.14 27.24
C MET C 278 -18.89 -3.76 27.71
N VAL C 279 -20.11 -3.37 27.34
CA VAL C 279 -20.72 -2.07 27.77
C VAL C 279 -21.10 -2.14 29.26
N GLU C 280 -20.99 -3.32 29.88
CA GLU C 280 -21.33 -3.58 31.30
C GLU C 280 -20.03 -3.76 32.11
N ILE C 281 -18.87 -3.53 31.50
CA ILE C 281 -17.53 -3.75 32.11
C ILE C 281 -16.80 -2.41 32.23
N PRO C 282 -16.34 -2.01 33.44
CA PRO C 282 -15.54 -0.80 33.58
C PRO C 282 -14.26 -0.94 32.72
N VAL C 283 -13.97 0.06 31.90
CA VAL C 283 -12.86 -0.01 30.90
C VAL C 283 -11.52 -0.16 31.63
N ILE C 284 -11.40 0.26 32.89
CA ILE C 284 -10.13 0.18 33.68
C ILE C 284 -9.79 -1.31 33.95
N ASP C 285 -10.81 -2.17 34.03
CA ASP C 285 -10.63 -3.63 34.27
C ASP C 285 -10.00 -4.30 33.03
N LEU C 286 -10.07 -3.65 31.86
CA LEU C 286 -9.51 -4.16 30.57
C LEU C 286 -7.98 -4.05 30.58
N LEU C 287 -7.43 -3.17 31.42
CA LEU C 287 -5.98 -2.86 31.49
C LEU C 287 -5.34 -3.56 32.70
N ALA C 288 -4.05 -3.88 32.60
CA ALA C 288 -3.19 -4.39 33.68
C ALA C 288 -2.72 -3.23 34.56
N GLY C 289 -2.47 -3.49 35.84
CA GLY C 289 -1.91 -2.53 36.82
C GLY C 289 -2.90 -2.17 37.90
N GLU C 290 -2.43 -1.48 38.95
CA GLU C 290 -3.24 -1.00 40.10
C GLU C 290 -4.12 0.16 39.64
N ARG C 291 -5.36 0.23 40.11
CA ARG C 291 -6.38 1.23 39.68
C ARG C 291 -5.79 2.64 39.82
N GLU C 292 -5.09 2.93 40.91
CA GLU C 292 -4.59 4.29 41.24
C GLU C 292 -3.56 4.73 40.20
N ASP C 293 -2.60 3.85 39.85
CA ASP C 293 -1.54 4.12 38.84
C ASP C 293 -2.19 4.42 37.49
N LEU C 294 -3.26 3.68 37.15
CA LEU C 294 -3.97 3.79 35.84
C LEU C 294 -4.81 5.09 35.83
N ILE C 295 -5.43 5.46 36.96
CA ILE C 295 -6.23 6.70 37.09
C ILE C 295 -5.31 7.92 36.96
N LYS C 296 -4.15 7.90 37.59
CA LYS C 296 -3.14 8.99 37.52
C LYS C 296 -2.76 9.20 36.05
N ALA C 297 -2.54 8.10 35.31
CA ALA C 297 -2.00 8.08 33.94
C ALA C 297 -3.06 8.53 32.93
N LEU C 298 -4.33 8.12 33.10
CA LEU C 298 -5.35 8.12 32.00
C LEU C 298 -6.53 9.04 32.28
N VAL C 299 -6.93 9.23 33.54
CA VAL C 299 -8.08 10.11 33.90
C VAL C 299 -7.58 11.55 34.07
#